data_9IRC
#
_entry.id   9IRC
#
_cell.length_a   1.00
_cell.length_b   1.00
_cell.length_c   1.00
_cell.angle_alpha   90.00
_cell.angle_beta   90.00
_cell.angle_gamma   90.00
#
_symmetry.space_group_name_H-M   'P 1'
#
loop_
_entity.id
_entity.type
_entity.pdbx_description
1 polymer 'Solute carrier family 15 member 4'
2 polymer 'TLR adapter interacting with SLC15A4 on the lysosome'
3 polymer 'Fab235 heavy chain'
4 polymer 'Fab235 light chain'
#
loop_
_entity_poly.entity_id
_entity_poly.type
_entity_poly.pdbx_seq_one_letter_code
_entity_poly.pdbx_strand_id
1 'polypeptide(L)'
;MEGSGGGAGERAPLLGARRAAAAAAAAGAFAGRRAACGAVLLTELLERAAFYGITSNLVLFLNGAPFCWEGAQASEALLL
FMGLTYLGSPFGGWLADARLGRARAILLSLALYLLGMLAFPLLAAPATRAALCGSARLLNCTAPGPDAAARCCSPATFAG
LVLVGLGVATVKANITPFGADQVKDRGPEATRRFFNWFYWSINLGAILSLGGIAYIQQNVSFVTGYAIPTVCVGLAFVVF
LCGQSVFITKPPDGSAFTDMFKILTYSCCSQKRSGERQSNGEGIGVFQQSSKQSLFDSCKMSHGGPFTEEKVEDVKALVK
IVPVFLALIPYWTVYFQMQTTYVLQSLHLRIPEISNITTTPHTLPAAWLTMFDAVLILLLIPLKDKLVDPILRRHGLLPS
SLKRIAVGMFFVMCSAFAAGILESKRLNLVKEKTINQTIGNVVYHAADLSLWWQVPQYLLIGISEIFASIAGLEFAYSAA
PKSMQSAIMGLFFFFSGVGSFVGSGLLALVSIKAIGWMSSHTDFGNINGCYLNYYFFLLAAIQGATLLLFLIISVKYDHH
RDHQRSRANGVPTSRRAKLGSENLYFQGGSGGSGHHHHHHHH
;
A
2 'polypeptide(L)'
;MLSEGYLSGLEYWNDIHWNCASYNEPVAGDQGKEPISNAVLNEYLEQKVVELYKQYIMDTVFHDSSPTQILASEFIMTNV
DQISLQVSKEKNLDTSKVKDIVISHLLQLVSSEISTPSLHISQYSNITPKLGSENLYFQGGSGGSGHHHHHHHHWSHPQF
EKWSHPQFEK
;
B
3 'polypeptide(L)'
;DVQLVESGGGLVQPGGSRKLSCAASGFTFSRFGMHWVRQAPEKGLEWVAYISSGSSNIYYADTVKGRFTISRDNPKNTLF
LQMTSLRSEDTAMYYCARSTTIIRAFFDYWGQGTTLTVSS
;
H
4 'polypeptide(L)'
;QIVLTQSPAIMSASLGERVTMTCTASSGVSSSYLHWYQQKPGSSPRLWIYSTSNLASGVPARFSGSGSGTSYSLTISSME
AEDAATYYCHQYHRSPWAFGGGTKLEIK
;
L
#
# COMPACT_ATOMS: atom_id res chain seq x y z
N ALA A 31 -2.13 24.01 -36.44
CA ALA A 31 -3.39 24.53 -36.97
C ALA A 31 -3.99 25.57 -36.04
N GLY A 32 -3.41 25.70 -34.85
CA GLY A 32 -3.91 26.62 -33.85
C GLY A 32 -5.01 26.06 -32.97
N ARG A 33 -5.60 24.93 -33.35
CA ARG A 33 -6.62 24.25 -32.55
C ARG A 33 -6.15 22.91 -32.02
N ARG A 34 -5.47 22.11 -32.87
CA ARG A 34 -4.90 20.85 -32.39
C ARG A 34 -3.83 21.09 -31.32
N ALA A 35 -3.26 22.29 -31.26
CA ALA A 35 -2.36 22.62 -30.17
C ALA A 35 -3.12 22.65 -28.84
N ALA A 36 -4.33 23.19 -28.83
CA ALA A 36 -5.14 23.18 -27.61
C ALA A 36 -5.49 21.76 -27.19
N CYS A 37 -5.86 20.91 -28.15
CA CYS A 37 -6.16 19.52 -27.84
C CYS A 37 -4.93 18.81 -27.30
N GLY A 38 -3.76 19.06 -27.90
CA GLY A 38 -2.54 18.46 -27.40
C GLY A 38 -2.19 18.92 -26.00
N ALA A 39 -2.41 20.20 -25.71
CA ALA A 39 -2.16 20.71 -24.36
C ALA A 39 -3.10 20.06 -23.36
N VAL A 40 -4.37 19.91 -23.72
CA VAL A 40 -5.33 19.24 -22.83
C VAL A 40 -4.90 17.79 -22.59
N LEU A 41 -4.49 17.10 -23.65
CA LEU A 41 -4.07 15.70 -23.50
C LEU A 41 -2.82 15.59 -22.63
N LEU A 42 -1.86 16.49 -22.82
CA LEU A 42 -0.64 16.44 -22.02
C LEU A 42 -0.93 16.71 -20.55
N THR A 43 -1.77 17.72 -20.27
CA THR A 43 -2.15 17.99 -18.89
C THR A 43 -2.86 16.79 -18.29
N GLU A 44 -3.76 16.17 -19.05
CA GLU A 44 -4.48 14.99 -18.57
C GLU A 44 -3.53 13.86 -18.23
N LEU A 45 -2.59 13.56 -19.14
CA LEU A 45 -1.63 12.49 -18.92
C LEU A 45 -0.80 12.75 -17.68
N LEU A 46 -0.27 13.97 -17.55
CA LEU A 46 0.59 14.29 -16.41
C LEU A 46 -0.18 14.23 -15.10
N GLU A 47 -1.42 14.73 -15.06
CA GLU A 47 -2.14 14.76 -13.79
C GLU A 47 -2.64 13.38 -13.39
N ARG A 48 -3.10 12.56 -14.34
CA ARG A 48 -3.35 11.15 -14.02
C ARG A 48 -2.08 10.44 -13.56
N ALA A 49 -0.95 10.71 -14.20
CA ALA A 49 0.28 10.05 -13.79
C ALA A 49 0.63 10.39 -12.36
N ALA A 50 0.52 11.67 -11.98
CA ALA A 50 0.85 12.05 -10.61
C ALA A 50 -0.14 11.48 -9.61
N PHE A 51 -1.44 11.52 -9.94
CA PHE A 51 -2.45 10.98 -9.01
C PHE A 51 -2.21 9.50 -8.76
N TYR A 52 -1.95 8.74 -9.83
CA TYR A 52 -1.70 7.31 -9.64
C TYR A 52 -0.37 7.06 -8.97
N GLY A 53 0.63 7.93 -9.18
CA GLY A 53 1.88 7.78 -8.46
C GLY A 53 1.70 7.96 -6.96
N ILE A 54 0.86 8.91 -6.56
CA ILE A 54 0.55 9.06 -5.15
C ILE A 54 -0.21 7.85 -4.62
N THR A 55 -1.26 7.43 -5.34
CA THR A 55 -2.14 6.39 -4.80
C THR A 55 -1.47 5.02 -4.80
N SER A 56 -0.50 4.80 -5.69
CA SER A 56 0.12 3.48 -5.79
C SER A 56 0.89 3.12 -4.54
N ASN A 57 1.65 4.08 -3.97
CA ASN A 57 2.52 3.77 -2.84
C ASN A 57 2.31 4.72 -1.67
N LEU A 58 1.15 5.37 -1.56
CA LEU A 58 0.88 6.11 -0.33
C LEU A 58 0.85 5.18 0.88
N VAL A 59 0.34 3.96 0.70
CA VAL A 59 0.32 3.01 1.80
C VAL A 59 1.74 2.67 2.25
N LEU A 60 2.64 2.43 1.28
CA LEU A 60 4.03 2.15 1.63
C LEU A 60 4.68 3.35 2.30
N PHE A 61 4.41 4.56 1.78
CA PHE A 61 5.01 5.76 2.34
C PHE A 61 4.56 6.00 3.78
N LEU A 62 3.27 5.80 4.05
CA LEU A 62 2.74 6.06 5.39
C LEU A 62 3.21 5.05 6.41
N ASN A 63 3.71 3.90 5.97
CA ASN A 63 4.40 2.96 6.86
C ASN A 63 5.91 3.14 6.74
N GLY A 64 6.38 4.36 6.99
CA GLY A 64 7.77 4.68 6.72
C GLY A 64 8.54 5.26 7.88
N ALA A 65 9.73 5.78 7.60
CA ALA A 65 10.55 6.38 8.65
C ALA A 65 9.89 7.60 9.28
N PRO A 66 9.39 8.60 8.53
CA PRO A 66 8.67 9.70 9.20
C PRO A 66 7.36 9.28 9.81
N PHE A 67 6.67 8.31 9.21
CA PHE A 67 5.32 7.93 9.56
C PHE A 67 5.34 6.45 9.91
N CYS A 68 5.35 6.13 11.20
CA CYS A 68 5.24 4.74 11.64
C CYS A 68 3.79 4.38 11.90
N TRP A 69 2.94 4.65 10.91
CA TRP A 69 1.52 4.45 11.05
C TRP A 69 1.16 2.96 10.96
N GLU A 70 -0.01 2.64 11.48
CA GLU A 70 -0.54 1.28 11.35
C GLU A 70 -1.05 1.07 9.93
N GLY A 71 -1.19 -0.19 9.56
CA GLY A 71 -1.72 -0.51 8.23
C GLY A 71 -3.14 -0.03 8.06
N ALA A 72 -3.96 -0.17 9.10
CA ALA A 72 -5.32 0.35 9.05
C ALA A 72 -5.32 1.86 8.86
N GLN A 73 -4.43 2.57 9.56
CA GLN A 73 -4.38 4.03 9.44
C GLN A 73 -3.97 4.45 8.02
N ALA A 74 -2.96 3.79 7.46
CA ALA A 74 -2.52 4.15 6.10
C ALA A 74 -3.61 3.84 5.08
N SER A 75 -4.26 2.68 5.21
CA SER A 75 -5.35 2.35 4.30
C SER A 75 -6.50 3.34 4.43
N GLU A 76 -6.82 3.74 5.66
CA GLU A 76 -7.88 4.73 5.87
C GLU A 76 -7.50 6.05 5.24
N ALA A 77 -6.24 6.47 5.38
CA ALA A 77 -5.82 7.74 4.80
C ALA A 77 -5.92 7.71 3.27
N LEU A 78 -5.47 6.61 2.65
CA LEU A 78 -5.55 6.52 1.20
C LEU A 78 -7.01 6.44 0.73
N LEU A 79 -7.85 5.71 1.47
CA LEU A 79 -9.26 5.64 1.10
C LEU A 79 -9.93 7.01 1.22
N LEU A 80 -9.62 7.75 2.28
CA LEU A 80 -10.17 9.09 2.43
C LEU A 80 -9.67 10.01 1.32
N PHE A 81 -8.40 9.87 0.93
CA PHE A 81 -7.87 10.68 -0.15
C PHE A 81 -8.61 10.41 -1.46
N MET A 82 -8.77 9.14 -1.82
CA MET A 82 -9.49 8.81 -3.05
C MET A 82 -10.95 9.25 -2.97
N GLY A 83 -11.59 9.03 -1.81
CA GLY A 83 -12.95 9.48 -1.62
C GLY A 83 -13.09 10.98 -1.79
N LEU A 84 -12.14 11.75 -1.29
CA LEU A 84 -12.17 13.20 -1.50
C LEU A 84 -11.99 13.54 -2.98
N THR A 85 -11.06 12.86 -3.66
CA THR A 85 -10.85 13.12 -5.08
C THR A 85 -12.10 12.86 -5.89
N TYR A 86 -12.95 11.94 -5.44
CA TYR A 86 -14.16 11.64 -6.20
C TYR A 86 -15.41 12.35 -5.67
N LEU A 87 -15.41 12.80 -4.42
CA LEU A 87 -16.49 13.63 -3.91
C LEU A 87 -16.39 15.07 -4.40
N GLY A 88 -15.18 15.57 -4.62
CA GLY A 88 -15.04 16.93 -5.10
C GLY A 88 -15.43 17.12 -6.56
N SER A 89 -15.68 16.04 -7.29
CA SER A 89 -16.02 16.17 -8.70
C SER A 89 -17.33 16.94 -8.93
N PRO A 90 -18.44 16.62 -8.26
CA PRO A 90 -19.62 17.50 -8.41
C PRO A 90 -19.35 18.92 -7.95
N PHE A 91 -18.60 19.08 -6.86
CA PHE A 91 -18.33 20.42 -6.35
C PHE A 91 -17.36 21.16 -7.26
N GLY A 92 -16.36 20.47 -7.79
CA GLY A 92 -15.48 21.10 -8.77
C GLY A 92 -16.22 21.50 -10.04
N GLY A 93 -17.11 20.62 -10.51
CA GLY A 93 -17.90 20.96 -11.69
C GLY A 93 -18.81 22.14 -11.46
N TRP A 94 -19.45 22.19 -10.29
CA TRP A 94 -20.28 23.34 -9.95
C TRP A 94 -19.46 24.61 -9.86
N LEU A 95 -18.27 24.52 -9.24
CA LEU A 95 -17.41 25.70 -9.11
C LEU A 95 -16.95 26.18 -10.48
N ALA A 96 -16.75 25.26 -11.43
CA ALA A 96 -16.31 25.65 -12.76
C ALA A 96 -17.46 26.20 -13.60
N ASP A 97 -18.66 25.65 -13.44
CA ASP A 97 -19.75 26.01 -14.34
C ASP A 97 -20.53 27.22 -13.85
N ALA A 98 -20.83 27.26 -12.55
CA ALA A 98 -21.58 28.39 -12.01
C ALA A 98 -20.74 29.66 -11.95
N ARG A 99 -19.44 29.53 -11.64
CA ARG A 99 -18.56 30.68 -11.50
C ARG A 99 -17.20 30.31 -12.09
N LEU A 100 -16.30 31.30 -12.09
CA LEU A 100 -14.87 31.07 -12.21
C LEU A 100 -14.46 30.53 -13.58
N GLY A 101 -15.43 30.22 -14.43
CA GLY A 101 -15.14 29.64 -15.72
C GLY A 101 -14.62 28.21 -15.61
N ARG A 102 -14.29 27.59 -16.74
CA ARG A 102 -13.77 26.23 -16.73
C ARG A 102 -12.26 26.18 -16.89
N ALA A 103 -11.70 26.93 -17.83
CA ALA A 103 -10.25 26.95 -18.00
C ALA A 103 -9.56 27.51 -16.77
N ARG A 104 -10.06 28.63 -16.25
CA ARG A 104 -9.47 29.21 -15.05
C ARG A 104 -9.66 28.30 -13.83
N ALA A 105 -10.78 27.60 -13.77
CA ALA A 105 -10.98 26.63 -12.69
C ALA A 105 -9.94 25.53 -12.76
N ILE A 106 -9.66 25.01 -13.96
CA ILE A 106 -8.64 23.98 -14.11
C ILE A 106 -7.27 24.53 -13.76
N LEU A 107 -7.00 25.79 -14.14
CA LEU A 107 -5.70 26.39 -13.82
C LEU A 107 -5.50 26.51 -12.32
N LEU A 108 -6.50 27.04 -11.60
CA LEU A 108 -6.39 27.17 -10.16
C LEU A 108 -6.34 25.80 -9.49
N SER A 109 -7.08 24.82 -10.03
CA SER A 109 -7.02 23.47 -9.50
C SER A 109 -5.63 22.87 -9.67
N LEU A 110 -5.01 23.11 -10.82
CA LEU A 110 -3.66 22.60 -11.05
C LEU A 110 -2.65 23.26 -10.12
N ALA A 111 -2.78 24.57 -9.89
CA ALA A 111 -1.90 25.24 -8.94
C ALA A 111 -2.08 24.69 -7.53
N LEU A 112 -3.34 24.50 -7.13
CA LEU A 112 -3.64 23.94 -5.81
C LEU A 112 -3.10 22.53 -5.69
N TYR A 113 -3.24 21.75 -6.76
CA TYR A 113 -2.77 20.37 -6.81
C TYR A 113 -1.25 20.30 -6.71
N LEU A 114 -0.55 21.21 -7.41
CA LEU A 114 0.90 21.27 -7.29
C LEU A 114 1.33 21.67 -5.89
N LEU A 115 0.62 22.62 -5.28
CA LEU A 115 0.93 23.01 -3.90
C LEU A 115 0.78 21.82 -2.96
N GLY A 116 -0.27 21.02 -3.15
CA GLY A 116 -0.43 19.81 -2.36
C GLY A 116 0.65 18.79 -2.63
N MET A 117 1.00 18.59 -3.90
CA MET A 117 2.04 17.64 -4.27
C MET A 117 3.37 17.99 -3.65
N LEU A 118 3.66 19.28 -3.51
CA LEU A 118 4.97 19.70 -2.99
C LEU A 118 5.22 19.15 -1.59
N ALA A 119 4.17 18.84 -0.83
CA ALA A 119 4.35 18.38 0.54
C ALA A 119 4.92 16.96 0.62
N PHE A 120 4.75 16.16 -0.42
CA PHE A 120 5.17 14.75 -0.35
C PHE A 120 6.68 14.58 -0.47
N PRO A 121 7.35 15.11 -1.49
CA PRO A 121 8.82 15.00 -1.52
C PRO A 121 9.49 15.67 -0.34
N LEU A 122 8.93 16.76 0.17
CA LEU A 122 9.48 17.40 1.35
C LEU A 122 9.39 16.50 2.57
N LEU A 123 8.25 15.80 2.73
CA LEU A 123 8.13 14.85 3.82
C LEU A 123 9.08 13.67 3.64
N ALA A 124 9.24 13.19 2.41
CA ALA A 124 10.12 12.06 2.16
C ALA A 124 11.58 12.42 2.44
N ALA A 125 12.00 13.62 2.06
CA ALA A 125 13.39 14.02 2.25
C ALA A 125 13.67 14.29 3.72
N PRO A 126 14.66 13.63 4.32
CA PRO A 126 14.97 13.91 5.73
C PRO A 126 15.37 15.34 6.01
N ALA A 127 16.05 16.00 5.06
CA ALA A 127 16.51 17.36 5.28
C ALA A 127 15.34 18.32 5.41
N THR A 128 14.30 18.15 4.59
CA THR A 128 13.18 19.08 4.56
C THR A 128 12.04 18.68 5.48
N ARG A 129 11.96 17.41 5.89
CA ARG A 129 10.90 17.01 6.82
C ARG A 129 11.07 17.69 8.17
N ALA A 130 12.32 17.96 8.58
CA ALA A 130 12.55 18.66 9.84
C ALA A 130 12.01 20.08 9.78
N ALA A 131 12.26 20.79 8.69
CA ALA A 131 11.70 22.13 8.53
C ALA A 131 10.17 22.08 8.44
N LEU A 132 9.64 21.11 7.70
CA LEU A 132 8.19 20.96 7.64
C LEU A 132 7.63 20.45 8.97
N CYS A 133 8.42 19.65 9.69
CA CYS A 133 8.01 19.12 10.98
C CYS A 133 9.20 18.54 11.74
N CYS A 152 3.67 12.33 15.18
CA CYS A 152 4.56 13.15 14.37
C CYS A 152 3.81 14.27 13.68
N CYS A 153 4.25 14.62 12.46
CA CYS A 153 3.58 15.67 11.70
C CYS A 153 2.51 15.12 10.78
N SER A 154 1.52 14.45 11.39
CA SER A 154 0.32 14.08 10.66
C SER A 154 -0.42 15.27 10.04
N PRO A 155 -0.53 16.44 10.70
CA PRO A 155 -1.23 17.56 10.04
C PRO A 155 -0.63 17.95 8.70
N ALA A 156 0.70 17.90 8.55
CA ALA A 156 1.31 18.28 7.29
C ALA A 156 0.88 17.34 6.17
N THR A 157 0.94 16.03 6.40
CA THR A 157 0.55 15.10 5.36
C THR A 157 -0.95 15.12 5.10
N PHE A 158 -1.77 15.36 6.14
CA PHE A 158 -3.20 15.49 5.91
C PHE A 158 -3.52 16.73 5.07
N ALA A 159 -2.83 17.85 5.34
CA ALA A 159 -3.03 19.03 4.52
C ALA A 159 -2.60 18.78 3.08
N GLY A 160 -1.45 18.14 2.89
CA GLY A 160 -1.04 17.79 1.54
C GLY A 160 -2.04 16.89 0.84
N LEU A 161 -2.56 15.90 1.56
CA LEU A 161 -3.51 14.96 0.97
C LEU A 161 -4.81 15.66 0.58
N VAL A 162 -5.34 16.52 1.44
CA VAL A 162 -6.60 17.19 1.10
C VAL A 162 -6.39 18.19 -0.04
N LEU A 163 -5.24 18.87 -0.06
CA LEU A 163 -4.93 19.77 -1.16
C LEU A 163 -4.87 19.00 -2.48
N VAL A 164 -4.14 17.88 -2.49
CA VAL A 164 -4.05 17.06 -3.70
C VAL A 164 -5.41 16.54 -4.09
N GLY A 165 -6.22 16.15 -3.10
CA GLY A 165 -7.54 15.62 -3.40
C GLY A 165 -8.45 16.66 -4.06
N LEU A 166 -8.44 17.88 -3.52
CA LEU A 166 -9.24 18.94 -4.13
C LEU A 166 -8.76 19.24 -5.55
N GLY A 167 -7.43 19.31 -5.74
CA GLY A 167 -6.92 19.56 -7.08
C GLY A 167 -7.32 18.48 -8.07
N VAL A 168 -7.14 17.22 -7.68
CA VAL A 168 -7.50 16.11 -8.56
C VAL A 168 -8.98 16.10 -8.84
N ALA A 169 -9.81 16.37 -7.82
CA ALA A 169 -11.25 16.37 -8.02
C ALA A 169 -11.67 17.44 -9.02
N THR A 170 -11.18 18.66 -8.85
CA THR A 170 -11.58 19.74 -9.74
C THR A 170 -11.08 19.49 -11.16
N VAL A 171 -9.83 19.04 -11.32
CA VAL A 171 -9.30 18.75 -12.65
C VAL A 171 -10.09 17.63 -13.30
N LYS A 172 -10.37 16.56 -12.54
CA LYS A 172 -11.13 15.43 -13.05
C LYS A 172 -12.51 15.86 -13.52
N ALA A 173 -13.16 16.73 -12.75
CA ALA A 173 -14.50 17.17 -13.11
C ALA A 173 -14.49 18.04 -14.36
N ASN A 174 -13.49 18.92 -14.50
CA ASN A 174 -13.57 19.96 -15.51
C ASN A 174 -12.79 19.66 -16.79
N ILE A 175 -11.87 18.69 -16.78
CA ILE A 175 -11.01 18.51 -17.95
C ILE A 175 -11.80 17.91 -19.12
N THR A 176 -12.68 16.95 -18.85
CA THR A 176 -13.42 16.31 -19.93
C THR A 176 -14.34 17.28 -20.66
N PRO A 177 -15.19 18.07 -19.99
CA PRO A 177 -15.93 19.10 -20.73
C PRO A 177 -15.03 20.13 -21.40
N PHE A 178 -13.88 20.43 -20.80
CA PHE A 178 -12.96 21.38 -21.42
C PHE A 178 -12.42 20.83 -22.73
N GLY A 179 -11.97 19.57 -22.74
CA GLY A 179 -11.55 18.97 -24.00
C GLY A 179 -12.67 18.90 -25.00
N ALA A 180 -13.87 18.54 -24.54
CA ALA A 180 -15.02 18.45 -25.43
C ALA A 180 -15.27 19.78 -26.13
N ASP A 181 -15.42 20.86 -25.36
CA ASP A 181 -15.72 22.14 -25.99
C ASP A 181 -14.50 22.72 -26.71
N GLN A 182 -13.31 22.19 -26.44
CA GLN A 182 -12.17 22.48 -27.32
C GLN A 182 -12.38 21.85 -28.69
N VAL A 183 -12.98 20.66 -28.74
CA VAL A 183 -13.09 19.90 -29.98
C VAL A 183 -14.52 19.85 -30.53
N LYS A 184 -15.50 20.38 -29.79
CA LYS A 184 -16.89 20.25 -30.24
C LYS A 184 -17.14 20.93 -31.58
N ASP A 185 -16.47 22.05 -31.84
CA ASP A 185 -16.83 22.86 -33.00
C ASP A 185 -16.56 22.13 -34.31
N ARG A 186 -15.48 21.34 -34.38
CA ARG A 186 -15.14 20.67 -35.62
C ARG A 186 -16.22 19.68 -36.04
N GLY A 187 -16.76 18.91 -35.10
CA GLY A 187 -17.82 17.98 -35.40
C GLY A 187 -17.82 16.77 -34.48
N PRO A 188 -18.92 16.00 -34.52
CA PRO A 188 -18.99 14.81 -33.66
C PRO A 188 -17.92 13.78 -33.96
N GLU A 189 -17.52 13.61 -35.22
CA GLU A 189 -16.44 12.68 -35.54
C GLU A 189 -15.11 13.15 -34.97
N ALA A 190 -14.84 14.46 -35.07
CA ALA A 190 -13.63 15.01 -34.47
C ALA A 190 -13.66 14.85 -32.95
N THR A 191 -14.84 15.04 -32.35
CA THR A 191 -14.97 14.83 -30.91
C THR A 191 -14.70 13.37 -30.54
N ARG A 192 -15.20 12.43 -31.35
CA ARG A 192 -14.94 11.02 -31.09
C ARG A 192 -13.45 10.71 -31.20
N ARG A 193 -12.77 11.25 -32.21
CA ARG A 193 -11.33 11.04 -32.34
C ARG A 193 -10.58 11.63 -31.16
N PHE A 194 -10.95 12.85 -30.77
CA PHE A 194 -10.27 13.49 -29.63
C PHE A 194 -10.51 12.70 -28.36
N PHE A 195 -11.70 12.13 -28.18
CA PHE A 195 -11.97 11.36 -26.97
C PHE A 195 -11.31 9.98 -27.00
N ASN A 196 -11.09 9.41 -28.19
CA ASN A 196 -10.22 8.25 -28.28
C ASN A 196 -8.81 8.60 -27.82
N TRP A 197 -8.29 9.73 -28.28
CA TRP A 197 -6.99 10.20 -27.82
C TRP A 197 -6.98 10.45 -26.32
N PHE A 198 -8.07 11.00 -25.79
CA PHE A 198 -8.18 11.31 -24.36
C PHE A 198 -8.20 10.05 -23.52
N TYR A 199 -8.98 9.05 -23.95
CA TYR A 199 -9.00 7.75 -23.28
C TYR A 199 -7.61 7.13 -23.28
N TRP A 200 -6.94 7.13 -24.43
CA TRP A 200 -5.60 6.55 -24.50
C TRP A 200 -4.62 7.34 -23.64
N SER A 201 -4.77 8.66 -23.58
CA SER A 201 -3.91 9.47 -22.73
C SER A 201 -4.10 9.12 -21.26
N ILE A 202 -5.35 8.98 -20.82
CA ILE A 202 -5.62 8.63 -19.42
C ILE A 202 -5.01 7.29 -19.09
N ASN A 203 -5.29 6.28 -19.93
CA ASN A 203 -4.78 4.94 -19.64
C ASN A 203 -3.26 4.88 -19.71
N LEU A 204 -2.66 5.57 -20.68
CA LEU A 204 -1.21 5.60 -20.79
C LEU A 204 -0.57 6.28 -19.59
N GLY A 205 -1.14 7.40 -19.14
CA GLY A 205 -0.61 8.05 -17.96
C GLY A 205 -0.70 7.16 -16.73
N ALA A 206 -1.83 6.48 -16.56
CA ALA A 206 -1.98 5.56 -15.43
C ALA A 206 -0.97 4.43 -15.51
N ILE A 207 -0.76 3.87 -16.71
CA ILE A 207 0.14 2.74 -16.86
C ILE A 207 1.59 3.15 -16.57
N LEU A 208 2.04 4.25 -17.18
CA LEU A 208 3.41 4.70 -16.94
C LEU A 208 3.61 5.09 -15.48
N SER A 209 2.61 5.71 -14.86
CA SER A 209 2.70 6.01 -13.44
C SER A 209 2.88 4.73 -12.64
N LEU A 210 1.88 3.84 -12.69
CA LEU A 210 1.89 2.64 -11.85
C LEU A 210 3.10 1.77 -12.13
N GLY A 211 3.71 1.87 -13.32
CA GLY A 211 4.96 1.17 -13.52
C GLY A 211 6.17 1.90 -12.97
N GLY A 212 6.50 3.04 -13.59
CA GLY A 212 7.76 3.69 -13.28
C GLY A 212 7.78 4.35 -11.91
N ILE A 213 6.74 5.13 -11.60
CA ILE A 213 6.72 5.84 -10.32
C ILE A 213 6.66 4.85 -9.17
N ALA A 214 5.86 3.79 -9.31
CA ALA A 214 5.79 2.79 -8.26
C ALA A 214 7.11 2.05 -8.10
N TYR A 215 7.78 1.72 -9.22
CA TYR A 215 9.07 1.05 -9.11
C TYR A 215 10.10 1.95 -8.42
N ILE A 216 10.11 3.24 -8.77
CA ILE A 216 11.07 4.15 -8.16
C ILE A 216 10.76 4.35 -6.68
N GLN A 217 9.49 4.51 -6.33
CA GLN A 217 9.12 4.72 -4.92
C GLN A 217 9.45 3.50 -4.08
N GLN A 218 9.04 2.31 -4.52
CA GLN A 218 9.23 1.11 -3.72
C GLN A 218 10.71 0.71 -3.65
N ASN A 219 11.43 0.82 -4.77
CA ASN A 219 12.79 0.30 -4.85
C ASN A 219 13.86 1.38 -4.79
N VAL A 220 13.79 2.39 -5.65
CA VAL A 220 14.88 3.35 -5.76
C VAL A 220 14.89 4.28 -4.55
N SER A 221 13.84 5.08 -4.39
CA SER A 221 13.76 6.06 -3.31
C SER A 221 12.37 6.69 -3.31
N PHE A 222 11.96 7.16 -2.14
CA PHE A 222 10.69 7.86 -2.05
C PHE A 222 10.82 9.34 -2.39
N VAL A 223 12.00 9.93 -2.15
CA VAL A 223 12.20 11.34 -2.46
C VAL A 223 12.07 11.58 -3.96
N THR A 224 12.80 10.81 -4.76
CA THR A 224 12.71 10.95 -6.21
C THR A 224 11.35 10.46 -6.71
N GLY A 225 10.85 9.37 -6.14
CA GLY A 225 9.57 8.81 -6.54
C GLY A 225 8.38 9.68 -6.22
N TYR A 226 8.54 10.67 -5.36
CA TYR A 226 7.50 11.66 -5.11
C TYR A 226 7.82 13.02 -5.71
N ALA A 227 9.08 13.29 -6.05
CA ALA A 227 9.41 14.50 -6.78
C ALA A 227 9.03 14.39 -8.25
N ILE A 228 9.15 13.20 -8.85
CA ILE A 228 8.76 13.02 -10.24
C ILE A 228 7.27 13.33 -10.46
N PRO A 229 6.34 12.82 -9.64
CA PRO A 229 4.95 13.29 -9.79
C PRO A 229 4.80 14.78 -9.56
N THR A 230 5.54 15.35 -8.61
CA THR A 230 5.50 16.80 -8.43
C THR A 230 6.01 17.52 -9.66
N VAL A 231 7.09 17.01 -10.27
CA VAL A 231 7.62 17.61 -11.48
C VAL A 231 6.59 17.54 -12.60
N CYS A 232 5.90 16.41 -12.74
CA CYS A 232 4.93 16.28 -13.82
C CYS A 232 3.69 17.14 -13.58
N VAL A 233 3.31 17.34 -12.32
CA VAL A 233 2.26 18.33 -12.04
C VAL A 233 2.72 19.72 -12.41
N GLY A 234 3.98 20.06 -12.12
CA GLY A 234 4.50 21.35 -12.54
C GLY A 234 4.45 21.53 -14.05
N LEU A 235 4.85 20.50 -14.79
CA LEU A 235 4.80 20.57 -16.25
C LEU A 235 3.37 20.66 -16.75
N ALA A 236 2.44 19.96 -16.10
CA ALA A 236 1.04 20.05 -16.50
C ALA A 236 0.50 21.45 -16.28
N PHE A 237 0.79 22.04 -15.13
CA PHE A 237 0.36 23.42 -14.88
C PHE A 237 0.99 24.38 -15.87
N VAL A 238 2.28 24.20 -16.16
CA VAL A 238 2.97 25.09 -17.09
C VAL A 238 2.37 24.98 -18.49
N VAL A 239 2.12 23.76 -18.95
CA VAL A 239 1.60 23.57 -20.30
C VAL A 239 0.16 24.07 -20.39
N PHE A 240 -0.63 23.92 -19.31
CA PHE A 240 -1.98 24.48 -19.32
C PHE A 240 -1.94 26.01 -19.37
N LEU A 241 -1.04 26.62 -18.58
CA LEU A 241 -0.91 28.06 -18.62
C LEU A 241 -0.45 28.55 -19.99
N CYS A 242 0.46 27.82 -20.62
CA CYS A 242 0.93 28.18 -21.96
C CYS A 242 -0.18 28.04 -22.99
N GLY A 243 -0.95 26.96 -22.93
CA GLY A 243 -2.04 26.75 -23.85
C GLY A 243 -3.28 27.57 -23.57
N GLN A 244 -3.30 28.28 -22.44
CA GLN A 244 -4.41 29.20 -22.17
C GLN A 244 -4.58 30.21 -23.30
N SER A 245 -3.50 30.57 -23.99
CA SER A 245 -3.60 31.49 -25.11
C SER A 245 -4.39 30.87 -26.27
N VAL A 246 -4.19 29.58 -26.52
CA VAL A 246 -4.83 28.92 -27.65
C VAL A 246 -6.10 28.17 -27.26
N PHE A 247 -6.45 28.14 -25.98
CA PHE A 247 -7.64 27.42 -25.54
C PHE A 247 -8.90 28.18 -25.96
N ILE A 248 -10.00 27.44 -26.07
CA ILE A 248 -11.32 28.00 -26.33
C ILE A 248 -12.04 28.02 -24.99
N THR A 249 -12.12 29.20 -24.38
CA THR A 249 -12.71 29.34 -23.05
C THR A 249 -14.16 29.79 -23.18
N LYS A 250 -15.06 29.07 -22.51
CA LYS A 250 -16.47 29.42 -22.53
C LYS A 250 -16.86 30.16 -21.26
N PRO A 251 -17.76 31.14 -21.35
CA PRO A 251 -18.22 31.81 -20.14
C PRO A 251 -18.98 30.85 -19.25
N PRO A 252 -18.98 31.07 -17.94
CA PRO A 252 -19.70 30.17 -17.04
C PRO A 252 -21.21 30.18 -17.29
N ASP A 253 -21.73 29.09 -17.84
CA ASP A 253 -23.15 29.03 -18.14
C ASP A 253 -23.99 28.76 -16.90
N GLY A 254 -23.46 27.97 -15.97
CA GLY A 254 -24.20 27.58 -14.79
C GLY A 254 -24.45 26.08 -14.76
N SER A 255 -23.97 25.41 -13.72
CA SER A 255 -24.11 23.97 -13.63
C SER A 255 -25.55 23.58 -13.38
N ALA A 256 -25.87 22.34 -13.72
CA ALA A 256 -27.19 21.80 -13.40
C ALA A 256 -27.34 21.48 -11.93
N PHE A 257 -26.23 21.42 -11.18
CA PHE A 257 -26.31 21.09 -9.77
C PHE A 257 -26.99 22.20 -8.97
N THR A 258 -26.76 23.45 -9.34
CA THR A 258 -27.46 24.54 -8.64
C THR A 258 -28.97 24.48 -8.93
N ASP A 259 -29.35 24.13 -10.15
CA ASP A 259 -30.77 23.96 -10.46
C ASP A 259 -31.36 22.81 -9.65
N MET A 260 -30.63 21.69 -9.54
CA MET A 260 -31.11 20.56 -8.75
C MET A 260 -31.25 20.94 -7.29
N PHE A 261 -30.29 21.69 -6.75
CA PHE A 261 -30.35 22.12 -5.36
C PHE A 261 -31.53 23.05 -5.13
N LYS A 262 -31.79 23.95 -6.08
CA LYS A 262 -32.96 24.82 -5.97
C LYS A 262 -34.26 24.03 -6.04
N ILE A 263 -34.31 23.00 -6.89
CA ILE A 263 -35.51 22.16 -6.98
C ILE A 263 -35.74 21.41 -5.68
N LEU A 264 -34.68 20.82 -5.12
CA LEU A 264 -34.82 20.10 -3.85
C LEU A 264 -35.25 21.03 -2.73
N THR A 265 -34.66 22.22 -2.67
CA THR A 265 -35.14 23.27 -1.76
C THR A 265 -36.37 23.94 -2.37
N TYR A 266 -37.48 23.22 -2.29
CA TYR A 266 -38.73 23.56 -2.96
C TYR A 266 -39.16 25.00 -2.69
N SER A 267 -39.87 25.60 -3.66
CA SER A 267 -40.36 26.96 -3.53
C SER A 267 -41.44 27.06 -2.44
N CYS A 299 -45.16 14.22 -10.13
CA CYS A 299 -44.93 14.77 -8.79
C CYS A 299 -44.34 16.17 -8.87
N LYS A 300 -43.63 16.57 -7.82
CA LYS A 300 -42.97 17.87 -7.73
C LYS A 300 -43.96 19.02 -7.88
N MET A 301 -43.44 20.23 -8.11
CA MET A 301 -44.27 21.43 -8.19
C MET A 301 -44.55 21.85 -9.63
N SER A 302 -43.51 22.13 -10.42
CA SER A 302 -43.59 22.34 -11.87
C SER A 302 -44.65 23.40 -12.22
N HIS A 303 -45.24 23.28 -13.41
CA HIS A 303 -46.20 24.19 -14.02
C HIS A 303 -45.99 25.66 -13.69
N GLY A 304 -47.05 26.32 -13.22
CA GLY A 304 -47.06 27.77 -13.09
C GLY A 304 -46.21 28.32 -11.97
N GLY A 305 -45.60 27.46 -11.15
CA GLY A 305 -44.73 27.92 -10.12
C GLY A 305 -43.41 28.45 -10.68
N PRO A 306 -42.58 29.02 -9.80
CA PRO A 306 -41.32 29.63 -10.23
C PRO A 306 -40.24 28.63 -10.64
N PHE A 307 -40.60 27.71 -11.53
CA PHE A 307 -39.67 26.74 -12.08
C PHE A 307 -40.24 26.21 -13.38
N THR A 308 -39.36 26.00 -14.35
CA THR A 308 -39.78 25.52 -15.66
C THR A 308 -39.94 24.00 -15.66
N GLU A 309 -40.59 23.50 -16.72
CA GLU A 309 -40.93 22.08 -16.79
C GLU A 309 -39.71 21.20 -17.04
N GLU A 310 -38.84 21.60 -17.96
CA GLU A 310 -37.72 20.74 -18.34
C GLU A 310 -36.75 20.52 -17.18
N LYS A 311 -36.48 21.55 -16.39
CA LYS A 311 -35.61 21.39 -15.23
C LYS A 311 -36.21 20.43 -14.21
N VAL A 312 -37.52 20.53 -13.98
CA VAL A 312 -38.18 19.63 -13.03
C VAL A 312 -38.11 18.19 -13.53
N GLU A 313 -38.38 17.97 -14.83
CA GLU A 313 -38.28 16.63 -15.39
C GLU A 313 -36.86 16.09 -15.28
N ASP A 314 -35.86 16.96 -15.51
CA ASP A 314 -34.47 16.52 -15.45
C ASP A 314 -34.08 16.13 -14.03
N VAL A 315 -34.52 16.92 -13.04
CA VAL A 315 -34.24 16.59 -11.65
C VAL A 315 -34.94 15.29 -11.26
N LYS A 316 -36.16 15.07 -11.78
CA LYS A 316 -36.83 13.79 -11.55
C LYS A 316 -36.03 12.64 -12.13
N ALA A 317 -35.47 12.82 -13.32
CA ALA A 317 -34.63 11.79 -13.92
C ALA A 317 -33.40 11.52 -13.05
N LEU A 318 -32.78 12.58 -12.53
CA LEU A 318 -31.63 12.40 -11.64
C LEU A 318 -32.02 11.62 -10.38
N VAL A 319 -33.17 11.94 -9.81
CA VAL A 319 -33.64 11.22 -8.62
C VAL A 319 -33.88 9.76 -8.95
N LYS A 320 -34.38 9.48 -10.15
CA LYS A 320 -34.55 8.09 -10.59
C LYS A 320 -33.20 7.40 -10.73
N ILE A 321 -32.18 8.12 -11.19
CA ILE A 321 -30.86 7.53 -11.35
C ILE A 321 -30.23 7.21 -10.00
N VAL A 322 -30.49 8.05 -8.98
CA VAL A 322 -29.73 7.97 -7.72
C VAL A 322 -29.71 6.57 -7.10
N PRO A 323 -30.83 5.82 -7.02
CA PRO A 323 -30.77 4.52 -6.35
C PRO A 323 -29.76 3.54 -6.96
N VAL A 324 -29.52 3.62 -8.26
CA VAL A 324 -28.52 2.74 -8.87
C VAL A 324 -27.14 3.04 -8.30
N PHE A 325 -26.80 4.32 -8.14
CA PHE A 325 -25.53 4.67 -7.52
C PHE A 325 -25.50 4.29 -6.05
N LEU A 326 -26.64 4.41 -5.36
CA LEU A 326 -26.69 3.95 -3.97
C LEU A 326 -26.37 2.47 -3.88
N ALA A 327 -26.88 1.68 -4.82
CA ALA A 327 -26.55 0.26 -4.86
C ALA A 327 -25.10 0.02 -5.25
N LEU A 328 -24.54 0.88 -6.11
CA LEU A 328 -23.15 0.74 -6.54
C LEU A 328 -22.15 1.17 -5.48
N ILE A 329 -22.59 1.87 -4.44
CA ILE A 329 -21.67 2.35 -3.41
C ILE A 329 -20.82 1.23 -2.81
N PRO A 330 -21.38 0.11 -2.33
CA PRO A 330 -20.52 -0.97 -1.81
C PRO A 330 -19.56 -1.52 -2.84
N TYR A 331 -19.99 -1.57 -4.11
CA TYR A 331 -19.07 -1.97 -5.17
C TYR A 331 -17.88 -1.03 -5.23
N TRP A 332 -18.11 0.28 -5.07
CA TRP A 332 -17.00 1.22 -5.09
C TRP A 332 -16.11 1.06 -3.87
N THR A 333 -16.70 0.74 -2.71
CA THR A 333 -15.89 0.42 -1.54
C THR A 333 -14.93 -0.73 -1.83
N VAL A 334 -15.48 -1.86 -2.29
CA VAL A 334 -14.65 -3.04 -2.50
C VAL A 334 -13.66 -2.81 -3.63
N TYR A 335 -14.04 -2.03 -4.64
CA TYR A 335 -13.12 -1.71 -5.73
C TYR A 335 -11.96 -0.86 -5.24
N PHE A 336 -12.24 0.22 -4.53
CA PHE A 336 -11.18 1.08 -4.01
C PHE A 336 -10.33 0.36 -2.96
N GLN A 337 -10.80 -0.75 -2.41
CA GLN A 337 -9.94 -1.58 -1.57
C GLN A 337 -8.72 -2.11 -2.33
N MET A 338 -8.76 -2.12 -3.67
CA MET A 338 -7.69 -2.77 -4.44
C MET A 338 -6.36 -2.06 -4.30
N GLN A 339 -6.35 -0.78 -3.95
CA GLN A 339 -5.12 -0.02 -3.89
C GLN A 339 -4.74 0.41 -2.48
N THR A 340 -5.60 0.16 -1.49
CA THR A 340 -5.35 0.58 -0.12
C THR A 340 -5.08 -0.61 0.80
N THR A 341 -6.00 -1.57 0.85
CA THR A 341 -5.82 -2.75 1.69
C THR A 341 -5.28 -3.96 0.92
N TYR A 342 -5.57 -4.06 -0.38
CA TYR A 342 -4.97 -5.13 -1.17
C TYR A 342 -3.46 -4.94 -1.29
N VAL A 343 -3.01 -3.70 -1.45
CA VAL A 343 -1.58 -3.42 -1.44
C VAL A 343 -1.00 -3.73 -0.06
N LEU A 344 -1.76 -3.42 1.00
CA LEU A 344 -1.31 -3.73 2.34
C LEU A 344 -1.12 -5.23 2.54
N GLN A 345 -2.04 -6.04 2.01
CA GLN A 345 -1.89 -7.49 2.06
C GLN A 345 -0.74 -7.95 1.18
N SER A 346 -0.51 -7.27 0.06
CA SER A 346 0.62 -7.58 -0.80
C SER A 346 1.93 -7.39 -0.04
N LEU A 347 2.02 -6.34 0.77
CA LEU A 347 3.22 -6.07 1.54
C LEU A 347 3.54 -7.22 2.51
N HIS A 348 2.54 -8.01 2.88
CA HIS A 348 2.72 -9.14 3.79
C HIS A 348 2.65 -10.48 3.07
N LEU A 349 2.88 -10.50 1.76
CA LEU A 349 3.05 -11.71 0.99
C LEU A 349 4.47 -11.77 0.46
N ARG A 350 4.87 -12.96 -0.01
CA ARG A 350 6.22 -13.12 -0.53
C ARG A 350 6.34 -12.41 -1.89
N ILE A 351 6.77 -11.16 -1.87
CA ILE A 351 6.89 -10.37 -3.09
C ILE A 351 8.11 -10.85 -3.86
N PRO A 352 7.99 -11.20 -5.14
CA PRO A 352 9.16 -11.63 -5.91
C PRO A 352 10.19 -10.53 -6.04
N GLU A 353 11.46 -10.93 -6.03
CA GLU A 353 12.58 -10.03 -6.19
C GLU A 353 13.09 -10.14 -7.63
N ILE A 354 13.15 -9.00 -8.33
CA ILE A 354 13.32 -8.99 -9.78
C ILE A 354 14.63 -8.35 -10.20
N SER A 355 15.59 -8.20 -9.29
CA SER A 355 16.87 -7.60 -9.64
C SER A 355 18.03 -8.59 -9.49
N ASN A 356 18.17 -9.22 -8.33
CA ASN A 356 19.24 -10.15 -8.02
C ASN A 356 20.63 -9.51 -8.09
N ILE A 357 20.70 -8.18 -8.22
CA ILE A 357 21.97 -7.48 -8.39
C ILE A 357 21.99 -6.27 -7.48
N THR A 358 23.21 -5.77 -7.24
CA THR A 358 23.47 -4.55 -6.46
C THR A 358 22.98 -4.65 -5.02
N THR A 359 23.23 -3.61 -4.24
CA THR A 359 22.74 -3.57 -2.87
C THR A 359 21.24 -3.34 -2.85
N THR A 360 20.62 -3.65 -1.69
CA THR A 360 19.19 -3.55 -1.41
C THR A 360 18.38 -3.97 -2.65
N PRO A 361 18.38 -5.26 -2.97
CA PRO A 361 17.87 -5.69 -4.28
C PRO A 361 16.41 -5.32 -4.48
N HIS A 362 16.09 -4.90 -5.70
CA HIS A 362 14.77 -4.38 -6.01
C HIS A 362 13.74 -5.50 -6.06
N THR A 363 12.59 -5.26 -5.45
CA THR A 363 11.47 -6.19 -5.46
C THR A 363 10.40 -5.70 -6.42
N LEU A 364 9.54 -6.62 -6.83
CA LEU A 364 8.45 -6.27 -7.73
C LEU A 364 7.48 -5.33 -7.02
N PRO A 365 7.16 -4.19 -7.62
CA PRO A 365 6.29 -3.22 -6.95
C PRO A 365 4.93 -3.82 -6.63
N ALA A 366 4.42 -3.50 -5.43
CA ALA A 366 3.10 -3.98 -5.04
C ALA A 366 2.00 -3.35 -5.88
N ALA A 367 2.25 -2.14 -6.41
CA ALA A 367 1.28 -1.48 -7.25
C ALA A 367 1.19 -2.06 -8.65
N TRP A 368 2.21 -2.82 -9.08
CA TRP A 368 2.20 -3.38 -10.42
C TRP A 368 0.99 -4.27 -10.64
N LEU A 369 0.54 -4.98 -9.60
CA LEU A 369 -0.69 -5.75 -9.70
C LEU A 369 -1.84 -4.86 -10.18
N THR A 370 -2.03 -3.73 -9.51
CA THR A 370 -3.01 -2.75 -9.99
C THR A 370 -2.72 -2.38 -11.44
N MET A 371 -1.44 -2.09 -11.75
CA MET A 371 -1.05 -1.81 -13.12
C MET A 371 -1.44 -2.98 -14.02
N PHE A 372 -1.13 -4.21 -13.58
CA PHE A 372 -1.55 -5.38 -14.34
C PHE A 372 -3.04 -5.33 -14.61
N ASP A 373 -3.84 -5.07 -13.57
CA ASP A 373 -5.28 -5.02 -13.73
C ASP A 373 -5.65 -3.96 -14.75
N ALA A 374 -5.01 -2.78 -14.66
CA ALA A 374 -5.25 -1.74 -15.64
C ALA A 374 -4.90 -2.24 -17.04
N VAL A 375 -3.75 -2.90 -17.17
CA VAL A 375 -3.38 -3.49 -18.45
C VAL A 375 -4.45 -4.48 -18.89
N LEU A 376 -4.97 -5.27 -17.94
CA LEU A 376 -6.04 -6.21 -18.28
C LEU A 376 -7.20 -5.47 -18.91
N ILE A 377 -7.58 -4.33 -18.34
CA ILE A 377 -8.66 -3.52 -18.91
C ILE A 377 -8.33 -3.17 -20.36
N LEU A 378 -7.10 -2.71 -20.61
CA LEU A 378 -6.71 -2.33 -21.96
C LEU A 378 -6.82 -3.49 -22.93
N LEU A 379 -6.68 -4.72 -22.45
CA LEU A 379 -6.76 -5.88 -23.33
C LEU A 379 -8.18 -6.40 -23.52
N LEU A 380 -9.16 -5.89 -22.78
CA LEU A 380 -10.52 -6.40 -22.94
C LEU A 380 -11.61 -5.35 -22.98
N ILE A 381 -11.32 -4.07 -22.79
CA ILE A 381 -12.26 -3.03 -23.21
C ILE A 381 -12.50 -3.06 -24.71
N PRO A 382 -11.49 -3.06 -25.58
CA PRO A 382 -11.79 -3.17 -27.02
C PRO A 382 -12.44 -4.50 -27.37
N LEU A 383 -11.96 -5.60 -26.78
CA LEU A 383 -12.55 -6.91 -27.05
C LEU A 383 -14.06 -6.90 -26.77
N LYS A 384 -14.44 -6.47 -25.57
CA LYS A 384 -15.85 -6.37 -25.24
C LYS A 384 -16.57 -5.43 -26.20
N ASP A 385 -15.89 -4.36 -26.63
CA ASP A 385 -16.51 -3.43 -27.55
C ASP A 385 -16.51 -3.93 -28.99
N LYS A 386 -15.69 -4.93 -29.31
CA LYS A 386 -15.54 -5.37 -30.69
C LYS A 386 -15.86 -6.85 -30.92
N LEU A 387 -15.78 -7.69 -29.88
CA LEU A 387 -16.05 -9.11 -30.02
C LEU A 387 -17.31 -9.55 -29.30
N VAL A 388 -17.42 -9.27 -28.01
CA VAL A 388 -18.54 -9.78 -27.23
C VAL A 388 -19.82 -9.01 -27.54
N ASP A 389 -19.76 -7.67 -27.46
CA ASP A 389 -20.96 -6.87 -27.65
C ASP A 389 -21.57 -7.00 -29.05
N PRO A 390 -20.81 -6.90 -30.15
CA PRO A 390 -21.46 -7.08 -31.46
C PRO A 390 -22.04 -8.47 -31.66
N ILE A 391 -21.36 -9.51 -31.19
CA ILE A 391 -21.87 -10.87 -31.35
C ILE A 391 -23.16 -11.05 -30.56
N LEU A 392 -23.18 -10.54 -29.32
CA LEU A 392 -24.41 -10.64 -28.53
C LEU A 392 -25.54 -9.83 -29.16
N ARG A 393 -25.22 -8.63 -29.68
CA ARG A 393 -26.25 -7.82 -30.32
C ARG A 393 -26.84 -8.54 -31.53
N ARG A 394 -25.99 -9.19 -32.33
CA ARG A 394 -26.48 -9.95 -33.46
C ARG A 394 -27.33 -11.14 -33.01
N HIS A 395 -26.89 -11.83 -31.96
CA HIS A 395 -27.56 -13.04 -31.49
C HIS A 395 -28.59 -12.77 -30.39
N GLY A 396 -28.80 -11.50 -30.02
CA GLY A 396 -29.71 -11.23 -28.93
C GLY A 396 -29.13 -11.66 -27.58
N LEU A 397 -30.04 -11.88 -26.63
CA LEU A 397 -29.70 -12.27 -25.26
C LEU A 397 -28.58 -11.40 -24.67
N LEU A 398 -28.50 -10.15 -25.11
CA LEU A 398 -27.55 -9.21 -24.52
C LEU A 398 -28.10 -8.72 -23.17
N PRO A 399 -27.36 -8.90 -22.08
CA PRO A 399 -27.87 -8.47 -20.77
C PRO A 399 -28.10 -6.97 -20.72
N SER A 400 -29.12 -6.57 -19.98
CA SER A 400 -29.44 -5.16 -19.81
C SER A 400 -28.37 -4.48 -18.96
N SER A 401 -28.50 -3.17 -18.82
CA SER A 401 -27.54 -2.42 -17.99
C SER A 401 -27.60 -2.87 -16.54
N LEU A 402 -28.81 -3.06 -16.00
CA LEU A 402 -28.96 -3.49 -14.62
C LEU A 402 -28.39 -4.89 -14.41
N LYS A 403 -28.61 -5.80 -15.36
CA LYS A 403 -28.05 -7.14 -15.24
C LYS A 403 -26.53 -7.11 -15.28
N ARG A 404 -25.97 -6.25 -16.12
CA ARG A 404 -24.51 -6.11 -16.16
C ARG A 404 -23.99 -5.54 -14.84
N ILE A 405 -24.71 -4.58 -14.25
CA ILE A 405 -24.33 -4.04 -12.95
C ILE A 405 -24.35 -5.13 -11.90
N ALA A 406 -25.38 -5.98 -11.93
CA ALA A 406 -25.46 -7.10 -10.99
C ALA A 406 -24.29 -8.07 -11.18
N VAL A 407 -23.94 -8.35 -12.43
CA VAL A 407 -22.80 -9.23 -12.70
C VAL A 407 -21.51 -8.62 -12.16
N GLY A 408 -21.33 -7.32 -12.36
CA GLY A 408 -20.15 -6.65 -11.84
C GLY A 408 -20.08 -6.68 -10.32
N MET A 409 -21.22 -6.46 -9.66
CA MET A 409 -21.23 -6.54 -8.21
C MET A 409 -20.95 -7.96 -7.72
N PHE A 410 -21.45 -8.97 -8.44
CA PHE A 410 -21.12 -10.35 -8.09
C PHE A 410 -19.63 -10.60 -8.24
N PHE A 411 -19.02 -10.08 -9.31
CA PHE A 411 -17.59 -10.27 -9.51
C PHE A 411 -16.77 -9.58 -8.43
N VAL A 412 -17.17 -8.37 -8.03
CA VAL A 412 -16.41 -7.68 -6.99
C VAL A 412 -16.62 -8.36 -5.63
N MET A 413 -17.81 -8.93 -5.42
CA MET A 413 -18.02 -9.77 -4.23
C MET A 413 -17.09 -10.97 -4.24
N CYS A 414 -16.94 -11.62 -5.40
CA CYS A 414 -16.03 -12.74 -5.50
C CYS A 414 -14.59 -12.31 -5.24
N SER A 415 -14.22 -11.11 -5.70
CA SER A 415 -12.88 -10.59 -5.41
C SER A 415 -12.68 -10.38 -3.92
N ALA A 416 -13.68 -9.80 -3.25
CA ALA A 416 -13.57 -9.61 -1.80
C ALA A 416 -13.48 -10.94 -1.07
N PHE A 417 -14.28 -11.92 -1.48
CA PHE A 417 -14.25 -13.23 -0.85
C PHE A 417 -12.89 -13.92 -1.07
N ALA A 418 -12.34 -13.80 -2.27
CA ALA A 418 -11.02 -14.37 -2.54
C ALA A 418 -9.95 -13.68 -1.70
N ALA A 419 -10.05 -12.36 -1.56
CA ALA A 419 -9.11 -11.64 -0.71
C ALA A 419 -9.21 -12.10 0.74
N GLY A 420 -10.43 -12.30 1.23
CA GLY A 420 -10.60 -12.79 2.58
C GLY A 420 -10.04 -14.20 2.78
N ILE A 421 -10.27 -15.08 1.80
CA ILE A 421 -9.74 -16.44 1.88
C ILE A 421 -8.21 -16.41 1.88
N LEU A 422 -7.63 -15.60 0.99
CA LEU A 422 -6.19 -15.50 0.92
C LEU A 422 -5.60 -14.93 2.21
N GLU A 423 -6.28 -13.93 2.79
CA GLU A 423 -5.79 -13.36 4.04
C GLU A 423 -5.92 -14.34 5.21
N SER A 424 -6.98 -15.14 5.21
CA SER A 424 -7.11 -16.17 6.25
C SER A 424 -6.00 -17.20 6.14
N LYS A 425 -5.71 -17.65 4.92
CA LYS A 425 -4.60 -18.58 4.73
C LYS A 425 -3.27 -17.93 5.10
N ARG A 426 -3.11 -16.65 4.78
CA ARG A 426 -1.88 -15.93 5.12
C ARG A 426 -1.71 -15.83 6.63
N LEU A 427 -2.79 -15.55 7.36
CA LEU A 427 -2.72 -15.47 8.81
C LEU A 427 -2.44 -16.84 9.42
N ASN A 428 -3.00 -17.90 8.83
CA ASN A 428 -2.68 -19.25 9.29
C ASN A 428 -1.20 -19.56 9.09
N LEU A 429 -0.64 -19.16 7.95
CA LEU A 429 0.76 -19.46 7.66
C LEU A 429 1.70 -18.64 8.52
N VAL A 430 1.46 -17.33 8.63
CA VAL A 430 2.38 -16.43 9.33
C VAL A 430 2.40 -16.69 10.83
N LYS A 431 1.38 -17.36 11.37
CA LYS A 431 1.37 -17.67 12.79
C LYS A 431 2.53 -18.58 13.17
N GLU A 432 3.03 -19.37 12.23
CA GLU A 432 4.13 -20.31 12.49
C GLU A 432 5.45 -19.85 11.92
N LYS A 433 5.50 -19.52 10.63
CA LYS A 433 6.74 -19.12 9.97
C LYS A 433 6.52 -17.81 9.23
N THR A 434 7.61 -17.08 9.01
CA THR A 434 7.56 -15.79 8.34
C THR A 434 8.82 -15.57 7.53
N ILE A 435 8.73 -14.62 6.60
CA ILE A 435 9.85 -14.18 5.78
C ILE A 435 9.89 -12.66 5.80
N ASN A 436 11.08 -12.09 5.95
CA ASN A 436 11.22 -10.65 6.08
C ASN A 436 11.40 -10.00 4.73
N GLN A 437 10.76 -8.85 4.55
CA GLN A 437 10.76 -8.15 3.26
C GLN A 437 10.99 -6.66 3.52
N THR A 438 12.21 -6.19 3.26
CA THR A 438 12.53 -4.78 3.43
C THR A 438 12.11 -3.95 2.21
N ILE A 439 10.88 -4.19 1.76
CA ILE A 439 10.34 -3.45 0.62
C ILE A 439 10.07 -2.01 1.02
N GLY A 440 10.33 -1.09 0.09
CA GLY A 440 10.31 0.31 0.42
C GLY A 440 11.49 0.67 1.31
N ASN A 441 11.20 1.07 2.54
CA ASN A 441 12.26 1.30 3.53
C ASN A 441 11.90 0.69 4.88
N VAL A 442 10.93 -0.22 4.91
CA VAL A 442 10.43 -0.82 6.15
C VAL A 442 10.35 -2.33 5.96
N VAL A 443 10.69 -3.07 7.01
CA VAL A 443 10.72 -4.53 6.94
C VAL A 443 9.37 -5.09 7.34
N TYR A 444 8.84 -5.98 6.52
CA TYR A 444 7.54 -6.60 6.74
C TYR A 444 7.72 -8.08 7.05
N HIS A 445 6.94 -8.57 8.01
CA HIS A 445 6.93 -10.00 8.34
C HIS A 445 5.92 -10.71 7.46
N ALA A 446 6.26 -10.78 6.18
CA ALA A 446 5.36 -11.39 5.20
C ALA A 446 5.26 -12.89 5.43
N ALA A 447 4.15 -13.48 5.01
CA ALA A 447 4.04 -14.92 5.06
C ALA A 447 4.80 -15.55 3.91
N ASP A 448 5.08 -16.85 4.05
CA ASP A 448 5.76 -17.58 2.98
C ASP A 448 4.77 -18.00 1.91
N LEU A 449 3.99 -17.03 1.41
CA LEU A 449 2.97 -17.26 0.39
C LEU A 449 3.26 -16.34 -0.78
N SER A 450 3.25 -16.89 -1.98
CA SER A 450 3.60 -16.13 -3.18
C SER A 450 2.63 -14.96 -3.37
N LEU A 451 3.18 -13.83 -3.80
CA LEU A 451 2.35 -12.65 -4.06
C LEU A 451 1.36 -12.91 -5.18
N TRP A 452 1.69 -13.81 -6.10
CA TRP A 452 0.81 -14.10 -7.23
C TRP A 452 -0.50 -14.74 -6.80
N TRP A 453 -0.61 -15.25 -5.58
CA TRP A 453 -1.89 -15.71 -5.07
C TRP A 453 -2.90 -14.58 -4.94
N GLN A 454 -2.42 -13.33 -4.91
CA GLN A 454 -3.29 -12.17 -4.93
C GLN A 454 -3.67 -11.74 -6.34
N VAL A 455 -3.15 -12.41 -7.36
CA VAL A 455 -3.50 -12.09 -8.74
C VAL A 455 -4.99 -12.28 -9.02
N PRO A 456 -5.63 -13.42 -8.64
CA PRO A 456 -7.05 -13.61 -8.99
C PRO A 456 -7.96 -12.47 -8.55
N GLN A 457 -7.95 -12.13 -7.27
CA GLN A 457 -8.88 -11.12 -6.76
C GLN A 457 -8.76 -9.82 -7.54
N TYR A 458 -7.53 -9.34 -7.74
CA TYR A 458 -7.30 -8.15 -8.54
C TYR A 458 -7.98 -8.29 -9.90
N LEU A 459 -7.69 -9.39 -10.60
CA LEU A 459 -8.31 -9.61 -11.91
C LEU A 459 -9.82 -9.57 -11.80
N LEU A 460 -10.37 -10.21 -10.76
CA LEU A 460 -11.81 -10.20 -10.57
C LEU A 460 -12.33 -8.77 -10.54
N ILE A 461 -11.69 -7.91 -9.75
CA ILE A 461 -12.10 -6.52 -9.67
C ILE A 461 -12.12 -5.90 -11.06
N GLY A 462 -11.07 -6.14 -11.85
CA GLY A 462 -11.03 -5.61 -13.19
C GLY A 462 -12.25 -6.03 -14.00
N ILE A 463 -12.58 -7.32 -13.95
CA ILE A 463 -13.77 -7.79 -14.63
C ILE A 463 -14.99 -7.04 -14.10
N SER A 464 -15.10 -6.94 -12.78
CA SER A 464 -16.21 -6.20 -12.17
C SER A 464 -16.33 -4.83 -12.80
N GLU A 465 -15.19 -4.16 -13.00
CA GLU A 465 -15.20 -2.83 -13.60
C GLU A 465 -16.00 -2.86 -14.91
N ILE A 466 -15.54 -3.66 -15.87
CA ILE A 466 -16.16 -3.62 -17.19
C ILE A 466 -17.61 -4.04 -17.16
N PHE A 467 -18.04 -4.66 -16.06
CA PHE A 467 -19.42 -5.08 -15.95
C PHE A 467 -20.27 -4.11 -15.15
N ALA A 468 -19.68 -3.38 -14.20
CA ALA A 468 -20.48 -2.51 -13.36
C ALA A 468 -20.30 -1.04 -13.72
N SER A 469 -19.08 -0.51 -13.60
CA SER A 469 -18.86 0.92 -13.70
C SER A 469 -19.44 1.48 -14.99
N ILE A 470 -18.87 1.05 -16.13
CA ILE A 470 -19.41 1.42 -17.43
C ILE A 470 -20.93 1.25 -17.43
N ALA A 471 -21.38 0.03 -17.13
CA ALA A 471 -22.81 -0.26 -17.20
C ALA A 471 -23.58 0.70 -16.31
N GLY A 472 -23.09 0.92 -15.09
CA GLY A 472 -23.71 1.86 -14.19
C GLY A 472 -23.91 3.18 -14.90
N LEU A 473 -22.80 3.78 -15.34
CA LEU A 473 -22.90 5.06 -16.02
C LEU A 473 -23.75 4.93 -17.27
N GLU A 474 -23.61 3.81 -17.98
CA GLU A 474 -24.42 3.60 -19.18
C GLU A 474 -25.90 3.67 -18.83
N PHE A 475 -26.31 2.95 -17.78
CA PHE A 475 -27.70 3.05 -17.34
C PHE A 475 -28.03 4.47 -16.95
N ALA A 476 -27.11 5.11 -16.22
CA ALA A 476 -27.32 6.50 -15.83
C ALA A 476 -27.42 7.41 -17.05
N TYR A 477 -26.72 7.06 -18.14
CA TYR A 477 -26.85 7.83 -19.36
C TYR A 477 -28.13 7.48 -20.12
N SER A 478 -28.65 6.26 -19.94
CA SER A 478 -29.85 5.88 -20.67
C SER A 478 -31.10 6.58 -20.13
N ALA A 479 -31.25 6.61 -18.81
CA ALA A 479 -32.44 7.16 -18.18
C ALA A 479 -32.28 8.63 -17.79
N ALA A 480 -31.41 9.36 -18.50
CA ALA A 480 -31.19 10.77 -18.26
C ALA A 480 -31.11 11.50 -19.58
N PRO A 481 -31.51 12.77 -19.62
CA PRO A 481 -31.42 13.54 -20.86
C PRO A 481 -29.99 13.96 -21.17
N LYS A 482 -29.80 14.46 -22.39
CA LYS A 482 -28.49 14.93 -22.81
C LYS A 482 -28.07 16.18 -22.03
N SER A 483 -29.05 16.98 -21.59
CA SER A 483 -28.72 18.22 -20.89
C SER A 483 -28.02 17.95 -19.56
N MET A 484 -28.31 16.82 -18.93
CA MET A 484 -27.65 16.42 -17.69
C MET A 484 -26.36 15.66 -17.92
N GLN A 485 -25.71 15.86 -19.07
CA GLN A 485 -24.33 15.44 -19.21
C GLN A 485 -23.45 16.25 -18.26
N SER A 486 -22.46 15.60 -17.68
CA SER A 486 -21.51 16.13 -16.70
C SER A 486 -22.17 16.40 -15.35
N ALA A 487 -23.49 16.23 -15.23
CA ALA A 487 -24.16 16.21 -13.93
C ALA A 487 -24.45 14.78 -13.48
N ILE A 488 -24.81 13.91 -14.42
CA ILE A 488 -24.87 12.48 -14.14
C ILE A 488 -23.47 11.95 -13.82
N MET A 489 -22.49 12.35 -14.61
CA MET A 489 -21.12 11.90 -14.40
C MET A 489 -20.59 12.38 -13.05
N GLY A 490 -20.94 13.62 -12.68
CA GLY A 490 -20.58 14.12 -11.38
C GLY A 490 -21.18 13.30 -10.25
N LEU A 491 -22.44 12.91 -10.39
CA LEU A 491 -23.07 12.05 -9.39
C LEU A 491 -22.38 10.70 -9.31
N PHE A 492 -22.00 10.15 -10.47
CA PHE A 492 -21.26 8.90 -10.51
C PHE A 492 -19.97 9.00 -9.68
N PHE A 493 -19.20 10.06 -9.94
CA PHE A 493 -17.98 10.27 -9.15
C PHE A 493 -18.28 10.49 -7.68
N PHE A 494 -19.35 11.24 -7.38
CA PHE A 494 -19.69 11.51 -5.99
C PHE A 494 -19.99 10.23 -5.25
N PHE A 495 -20.75 9.33 -5.85
CA PHE A 495 -21.11 8.09 -5.15
C PHE A 495 -19.96 7.10 -5.13
N SER A 496 -19.05 7.15 -6.10
CA SER A 496 -17.82 6.38 -5.97
C SER A 496 -16.99 6.87 -4.77
N GLY A 497 -16.88 8.19 -4.62
CA GLY A 497 -16.20 8.73 -3.46
C GLY A 497 -16.91 8.40 -2.16
N VAL A 498 -18.24 8.36 -2.19
CA VAL A 498 -19.00 7.95 -1.02
C VAL A 498 -18.70 6.50 -0.67
N GLY A 499 -18.57 5.64 -1.69
CA GLY A 499 -18.18 4.26 -1.42
C GLY A 499 -16.80 4.16 -0.81
N SER A 500 -15.86 4.96 -1.30
CA SER A 500 -14.52 4.98 -0.70
C SER A 500 -14.57 5.45 0.75
N PHE A 501 -15.36 6.49 1.02
CA PHE A 501 -15.53 6.97 2.39
C PHE A 501 -16.17 5.90 3.27
N VAL A 502 -17.13 5.15 2.73
CA VAL A 502 -17.77 4.07 3.48
C VAL A 502 -16.75 2.99 3.80
N GLY A 503 -15.88 2.67 2.85
CA GLY A 503 -14.82 1.70 3.13
C GLY A 503 -13.88 2.15 4.22
N SER A 504 -13.47 3.43 4.17
CA SER A 504 -12.60 3.96 5.22
C SER A 504 -13.31 3.94 6.57
N GLY A 505 -14.59 4.32 6.60
CA GLY A 505 -15.33 4.31 7.85
C GLY A 505 -15.53 2.91 8.40
N LEU A 506 -15.73 1.93 7.51
CA LEU A 506 -15.85 0.54 7.94
C LEU A 506 -14.54 0.04 8.53
N LEU A 507 -13.42 0.38 7.90
CA LEU A 507 -12.12 0.00 8.46
C LEU A 507 -11.92 0.64 9.83
N ALA A 508 -12.28 1.92 9.97
CA ALA A 508 -12.17 2.57 11.27
C ALA A 508 -13.06 1.91 12.30
N LEU A 509 -14.29 1.55 11.91
CA LEU A 509 -15.23 0.93 12.84
C LEU A 509 -14.73 -0.43 13.30
N VAL A 510 -14.22 -1.25 12.39
CA VAL A 510 -13.67 -2.54 12.77
C VAL A 510 -12.33 -2.42 13.46
N SER A 511 -11.70 -1.25 13.42
CA SER A 511 -10.44 -1.03 14.12
C SER A 511 -10.62 -0.63 15.57
N ILE A 512 -11.86 -0.44 16.05
CA ILE A 512 -12.08 -0.03 17.43
C ILE A 512 -11.96 -1.23 18.35
N LYS A 513 -11.91 -0.97 19.66
CA LYS A 513 -11.66 -2.03 20.63
C LYS A 513 -12.83 -3.00 20.73
N ALA A 514 -14.06 -2.53 20.53
CA ALA A 514 -15.22 -3.40 20.70
C ALA A 514 -15.20 -4.55 19.70
N ILE A 515 -14.91 -4.25 18.43
CA ILE A 515 -14.78 -5.31 17.43
C ILE A 515 -13.37 -5.91 17.46
N GLY A 516 -12.36 -5.04 17.37
CA GLY A 516 -10.99 -5.49 17.53
C GLY A 516 -10.41 -6.26 16.37
N TRP A 517 -11.04 -6.17 15.19
CA TRP A 517 -10.48 -6.86 14.02
C TRP A 517 -9.14 -6.25 13.61
N MET A 518 -9.01 -4.92 13.71
CA MET A 518 -7.78 -4.22 13.38
C MET A 518 -7.25 -3.42 14.56
N SER A 519 -7.69 -3.72 15.77
CA SER A 519 -7.31 -2.97 16.96
C SER A 519 -6.01 -3.52 17.52
N SER A 520 -4.97 -2.70 17.50
CA SER A 520 -3.65 -3.06 18.04
C SER A 520 -2.82 -1.79 18.07
N HIS A 521 -1.55 -1.95 18.46
CA HIS A 521 -0.56 -0.87 18.43
C HIS A 521 0.64 -1.28 17.59
N THR A 522 0.39 -2.05 16.53
CA THR A 522 1.46 -2.58 15.68
C THR A 522 1.83 -1.53 14.65
N ASP A 523 2.99 -0.91 14.83
CA ASP A 523 3.46 0.08 13.88
C ASP A 523 3.96 -0.59 12.61
N PHE A 524 4.28 0.23 11.61
CA PHE A 524 4.82 -0.23 10.32
C PHE A 524 3.85 -1.18 9.63
N GLY A 525 2.55 -0.96 9.83
CA GLY A 525 1.52 -1.78 9.23
C GLY A 525 1.30 -3.09 9.96
N ASN A 526 2.20 -4.05 9.72
CA ASN A 526 2.28 -5.30 10.46
C ASN A 526 0.90 -5.89 10.75
N ILE A 527 0.21 -6.24 9.67
CA ILE A 527 -1.18 -6.67 9.71
C ILE A 527 -1.32 -8.07 10.29
N ASN A 528 -0.20 -8.70 10.62
CA ASN A 528 -0.24 -10.10 11.09
C ASN A 528 -1.06 -10.25 12.35
N GLY A 529 -1.05 -9.24 13.23
CA GLY A 529 -1.88 -9.29 14.43
C GLY A 529 -3.31 -8.87 14.23
N CYS A 530 -3.62 -8.24 13.09
CA CYS A 530 -4.97 -7.80 12.80
C CYS A 530 -5.73 -8.89 12.06
N TYR A 531 -6.96 -8.57 11.63
CA TYR A 531 -7.81 -9.50 10.89
C TYR A 531 -8.34 -8.78 9.65
N LEU A 532 -7.56 -8.80 8.56
CA LEU A 532 -8.08 -8.34 7.29
C LEU A 532 -8.99 -9.37 6.63
N ASN A 533 -8.88 -10.64 7.03
CA ASN A 533 -9.80 -11.64 6.52
C ASN A 533 -11.22 -11.33 6.94
N TYR A 534 -11.41 -10.95 8.20
CA TYR A 534 -12.74 -10.58 8.68
C TYR A 534 -13.25 -9.33 7.98
N TYR A 535 -12.36 -8.35 7.75
CA TYR A 535 -12.77 -7.13 7.06
C TYR A 535 -13.19 -7.41 5.63
N PHE A 536 -12.42 -8.23 4.91
CA PHE A 536 -12.78 -8.58 3.55
C PHE A 536 -14.06 -9.39 3.50
N PHE A 537 -14.25 -10.30 4.47
CA PHE A 537 -15.50 -11.05 4.53
C PHE A 537 -16.68 -10.15 4.81
N LEU A 538 -16.51 -9.16 5.68
CA LEU A 538 -17.58 -8.20 5.93
C LEU A 538 -17.91 -7.39 4.68
N LEU A 539 -16.88 -6.98 3.95
CA LEU A 539 -17.10 -6.26 2.69
C LEU A 539 -17.85 -7.14 1.69
N ALA A 540 -17.45 -8.41 1.59
CA ALA A 540 -18.13 -9.32 0.68
C ALA A 540 -19.57 -9.55 1.09
N ALA A 541 -19.84 -9.64 2.40
CA ALA A 541 -21.21 -9.83 2.88
C ALA A 541 -22.06 -8.60 2.59
N ILE A 542 -21.51 -7.41 2.79
CA ILE A 542 -22.25 -6.19 2.47
C ILE A 542 -22.54 -6.12 0.98
N GLN A 543 -21.54 -6.46 0.15
CA GLN A 543 -21.74 -6.48 -1.29
C GLN A 543 -22.81 -7.51 -1.68
N GLY A 544 -22.82 -8.66 -0.99
CA GLY A 544 -23.84 -9.66 -1.29
C GLY A 544 -25.23 -9.21 -0.92
N ALA A 545 -25.38 -8.58 0.25
CA ALA A 545 -26.68 -8.04 0.63
C ALA A 545 -27.14 -6.99 -0.37
N THR A 546 -26.23 -6.10 -0.78
CA THR A 546 -26.57 -5.09 -1.77
C THR A 546 -26.94 -5.72 -3.11
N LEU A 547 -26.24 -6.79 -3.49
CA LEU A 547 -26.53 -7.47 -4.75
C LEU A 547 -27.89 -8.15 -4.72
N LEU A 548 -28.23 -8.81 -3.61
CA LEU A 548 -29.56 -9.41 -3.49
C LEU A 548 -30.65 -8.35 -3.53
N LEU A 549 -30.45 -7.23 -2.83
CA LEU A 549 -31.43 -6.15 -2.87
C LEU A 549 -31.57 -5.59 -4.29
N PHE A 550 -30.43 -5.42 -4.98
CA PHE A 550 -30.46 -4.91 -6.35
C PHE A 550 -31.20 -5.87 -7.27
N LEU A 551 -30.94 -7.17 -7.14
CA LEU A 551 -31.65 -8.15 -7.96
C LEU A 551 -33.15 -8.13 -7.68
N ILE A 552 -33.52 -8.04 -6.40
CA ILE A 552 -34.94 -8.04 -6.05
C ILE A 552 -35.63 -6.82 -6.64
N ILE A 553 -35.03 -5.63 -6.47
CA ILE A 553 -35.67 -4.42 -6.97
C ILE A 553 -35.66 -4.39 -8.50
N SER A 554 -34.64 -4.97 -9.14
CA SER A 554 -34.61 -5.01 -10.60
C SER A 554 -35.69 -5.94 -11.14
N VAL A 555 -35.87 -7.10 -10.50
CA VAL A 555 -36.93 -8.02 -10.93
C VAL A 555 -38.30 -7.40 -10.71
N LYS A 556 -38.50 -6.75 -9.56
CA LYS A 556 -39.79 -6.14 -9.28
C LYS A 556 -40.09 -5.00 -10.24
N TYR A 557 -39.12 -4.11 -10.46
CA TYR A 557 -39.35 -2.96 -11.32
C TYR A 557 -39.38 -3.36 -12.79
N ASP A 558 -38.48 -4.24 -13.20
CA ASP A 558 -38.40 -4.65 -14.60
C ASP A 558 -38.90 -6.09 -14.78
N MET B 1 -10.06 4.90 -9.96
CA MET B 1 -10.97 4.61 -11.06
C MET B 1 -10.14 4.29 -12.30
N LEU B 2 -9.94 3.00 -12.57
CA LEU B 2 -9.09 2.61 -13.69
C LEU B 2 -9.77 2.85 -15.04
N SER B 3 -11.09 2.94 -15.07
CA SER B 3 -11.83 3.16 -16.31
C SER B 3 -12.28 4.61 -16.46
N GLU B 4 -11.51 5.57 -15.94
CA GLU B 4 -11.85 6.98 -16.15
C GLU B 4 -11.82 7.35 -17.62
N GLY B 5 -10.87 6.77 -18.37
CA GLY B 5 -10.80 7.07 -19.79
C GLY B 5 -12.05 6.64 -20.54
N TYR B 6 -12.57 5.45 -20.23
CA TYR B 6 -13.76 4.96 -20.91
C TYR B 6 -15.02 5.63 -20.39
N LEU B 7 -15.03 6.04 -19.12
CA LEU B 7 -16.21 6.71 -18.59
C LEU B 7 -16.27 8.17 -19.04
N SER B 8 -15.13 8.76 -19.39
CA SER B 8 -15.11 10.15 -19.82
C SER B 8 -15.83 10.32 -21.15
N GLY B 9 -15.58 9.42 -22.10
CA GLY B 9 -16.23 9.51 -23.40
C GLY B 9 -17.20 8.38 -23.64
N LEU B 10 -17.95 8.01 -22.60
CA LEU B 10 -18.88 6.89 -22.70
C LEU B 10 -19.95 7.13 -23.77
N GLU B 11 -20.34 8.40 -23.95
CA GLU B 11 -21.48 8.72 -24.87
C GLU B 11 -21.00 8.99 -26.30
N TYR B 12 -19.77 8.61 -26.65
CA TYR B 12 -19.26 8.92 -27.98
C TYR B 12 -19.07 7.67 -28.84
N TRP B 13 -18.28 6.70 -28.38
CA TRP B 13 -17.95 5.57 -29.24
C TRP B 13 -19.14 4.62 -29.43
N ASN B 14 -19.84 4.26 -28.35
CA ASN B 14 -21.01 3.41 -28.48
C ASN B 14 -22.27 4.28 -28.59
N ASP B 15 -23.29 3.74 -29.25
CA ASP B 15 -24.50 4.51 -29.51
C ASP B 15 -25.55 4.20 -28.47
N ILE B 16 -26.05 5.24 -27.81
CA ILE B 16 -27.07 5.11 -26.77
C ILE B 16 -28.23 6.03 -27.11
N HIS B 17 -29.43 5.61 -26.71
CA HIS B 17 -30.63 6.41 -26.92
C HIS B 17 -30.67 7.50 -25.84
N TRP B 18 -31.65 8.40 -25.95
CA TRP B 18 -31.75 9.58 -25.09
C TRP B 18 -30.49 10.43 -25.25
N ASN B 19 -29.51 10.24 -24.37
CA ASN B 19 -28.22 10.92 -24.49
C ASN B 19 -27.53 10.49 -25.78
N ASP C 1 23.02 6.33 24.98
CA ASP C 1 21.76 6.50 25.69
C ASP C 1 20.97 5.21 25.71
N VAL C 2 20.90 4.55 24.54
CA VAL C 2 20.19 3.28 24.43
C VAL C 2 20.90 2.22 25.25
N GLN C 3 20.14 1.47 26.03
CA GLN C 3 20.71 0.39 26.83
C GLN C 3 19.61 -0.60 27.21
N LEU C 4 20.06 -1.83 27.49
CA LEU C 4 19.17 -2.97 27.75
C LEU C 4 19.78 -3.75 28.91
N VAL C 5 19.05 -3.88 30.01
CA VAL C 5 19.51 -4.68 31.14
C VAL C 5 18.59 -5.87 31.33
N GLU C 6 19.15 -6.97 31.83
CA GLU C 6 18.39 -8.18 32.10
C GLU C 6 18.34 -8.45 33.60
N SER C 7 17.30 -9.17 34.02
CA SER C 7 17.15 -9.56 35.41
C SER C 7 16.27 -10.82 35.46
N GLY C 8 16.35 -11.51 36.59
CA GLY C 8 15.59 -12.72 36.82
C GLY C 8 16.40 -14.00 36.71
N GLY C 9 17.60 -13.93 36.15
CA GLY C 9 18.42 -15.12 36.04
C GLY C 9 18.93 -15.58 37.39
N GLY C 10 19.11 -16.89 37.51
CA GLY C 10 19.57 -17.46 38.76
C GLY C 10 19.45 -18.97 38.73
N LEU C 11 19.57 -19.57 39.92
CA LEU C 11 19.47 -21.02 40.07
C LEU C 11 18.00 -21.41 40.08
N VAL C 12 17.63 -22.37 39.22
CA VAL C 12 16.27 -22.86 39.13
C VAL C 12 16.32 -24.38 39.11
N GLN C 13 15.50 -25.01 39.94
CA GLN C 13 15.39 -26.47 39.91
C GLN C 13 14.78 -26.92 38.59
N PRO C 14 15.21 -28.06 38.06
CA PRO C 14 14.63 -28.57 36.81
C PRO C 14 13.13 -28.80 36.97
N GLY C 15 12.40 -28.47 35.90
CA GLY C 15 10.95 -28.53 35.94
C GLY C 15 10.28 -27.28 36.50
N GLY C 16 11.05 -26.30 36.96
CA GLY C 16 10.51 -25.09 37.51
C GLY C 16 10.19 -24.05 36.44
N SER C 17 9.83 -22.86 36.92
CA SER C 17 9.48 -21.74 36.06
C SER C 17 10.29 -20.52 36.44
N ARG C 18 10.60 -19.69 35.45
CA ARG C 18 11.35 -18.46 35.72
C ARG C 18 10.98 -17.42 34.67
N LYS C 19 10.94 -16.16 35.10
CA LYS C 19 10.48 -15.05 34.26
C LYS C 19 11.62 -14.04 34.12
N LEU C 20 12.30 -14.07 32.97
CA LEU C 20 13.39 -13.16 32.71
C LEU C 20 12.87 -11.83 32.16
N SER C 21 13.24 -10.74 32.81
CA SER C 21 12.81 -9.42 32.40
C SER C 21 13.97 -8.64 31.80
N CYS C 22 13.65 -7.76 30.85
CA CYS C 22 14.63 -6.92 30.18
C CYS C 22 14.11 -5.49 30.17
N ALA C 23 14.80 -4.61 30.89
CA ALA C 23 14.45 -3.20 30.95
C ALA C 23 15.20 -2.45 29.87
N ALA C 24 14.47 -1.63 29.11
CA ALA C 24 14.99 -0.90 27.97
C ALA C 24 14.96 0.59 28.25
N SER C 25 15.98 1.30 27.78
CA SER C 25 15.96 2.76 27.89
C SER C 25 16.77 3.35 26.74
N GLY C 26 16.60 4.66 26.54
CA GLY C 26 17.29 5.37 25.48
C GLY C 26 16.63 5.29 24.12
N PHE C 27 15.49 4.62 24.00
CA PHE C 27 14.80 4.51 22.72
C PHE C 27 13.32 4.24 23.00
N THR C 28 12.53 4.29 21.93
CA THR C 28 11.11 4.01 22.01
C THR C 28 10.89 2.50 21.96
N PHE C 29 10.58 1.91 23.12
CA PHE C 29 10.37 0.47 23.18
C PHE C 29 9.10 0.03 22.44
N SER C 30 8.20 0.96 22.13
CA SER C 30 7.02 0.60 21.36
C SER C 30 7.40 0.07 19.99
N ARG C 31 8.39 0.68 19.35
CA ARG C 31 8.94 0.18 18.10
C ARG C 31 9.98 -0.89 18.44
N PHE C 32 10.77 -1.29 17.44
CA PHE C 32 11.94 -2.14 17.66
C PHE C 32 11.56 -3.47 18.33
N GLY C 33 10.83 -4.28 17.57
CA GLY C 33 10.50 -5.63 17.99
C GLY C 33 11.70 -6.37 18.55
N MET C 34 11.53 -7.06 19.66
CA MET C 34 12.64 -7.57 20.46
C MET C 34 12.84 -9.06 20.23
N HIS C 35 14.05 -9.53 20.59
CA HIS C 35 14.41 -10.92 20.51
C HIS C 35 15.03 -11.37 21.82
N TRP C 36 14.85 -12.65 22.14
CA TRP C 36 15.55 -13.31 23.22
C TRP C 36 16.47 -14.35 22.60
N VAL C 37 17.77 -14.25 22.89
CA VAL C 37 18.78 -15.15 22.34
C VAL C 37 19.62 -15.66 23.49
N ARG C 38 19.70 -16.99 23.62
CA ARG C 38 20.50 -17.58 24.69
C ARG C 38 21.77 -18.19 24.13
N GLN C 39 22.80 -18.20 24.96
CA GLN C 39 24.08 -18.83 24.65
C GLN C 39 24.44 -19.76 25.79
N ALA C 40 24.50 -21.05 25.51
CA ALA C 40 24.90 -22.01 26.52
C ALA C 40 26.39 -21.87 26.83
N PRO C 41 26.82 -22.26 28.03
CA PRO C 41 28.23 -22.14 28.38
C PRO C 41 29.13 -22.86 27.38
N GLU C 42 30.07 -22.11 26.81
CA GLU C 42 31.04 -22.62 25.84
C GLU C 42 30.37 -23.20 24.60
N LYS C 43 29.07 -22.96 24.44
CA LYS C 43 28.40 -23.19 23.17
C LYS C 43 28.05 -21.86 22.51
N GLY C 44 27.62 -21.95 21.25
CA GLY C 44 27.36 -20.78 20.46
C GLY C 44 26.01 -20.15 20.74
N LEU C 45 25.76 -19.04 20.05
CA LEU C 45 24.50 -18.32 20.22
C LEU C 45 23.34 -19.15 19.70
N GLU C 46 22.20 -19.07 20.39
CA GLU C 46 20.99 -19.76 19.97
C GLU C 46 19.82 -18.80 20.08
N TRP C 47 19.20 -18.49 18.95
CA TRP C 47 18.02 -17.64 18.95
C TRP C 47 16.86 -18.38 19.58
N VAL C 48 16.24 -17.77 20.58
CA VAL C 48 15.19 -18.41 21.35
C VAL C 48 13.80 -17.94 20.94
N ALA C 49 13.59 -16.62 20.94
CA ALA C 49 12.25 -16.11 20.70
C ALA C 49 12.31 -14.72 20.09
N TYR C 50 11.20 -14.31 19.51
CA TYR C 50 11.06 -12.97 18.95
C TYR C 50 9.63 -12.51 19.13
N ILE C 51 9.45 -11.24 19.48
CA ILE C 51 8.15 -10.59 19.55
C ILE C 51 8.21 -9.31 18.75
N SER C 52 7.15 -9.03 18.01
CA SER C 52 7.11 -7.88 17.11
C SER C 52 6.97 -6.58 17.93
N SER C 53 6.82 -5.46 17.23
CA SER C 53 6.67 -4.18 17.92
C SER C 53 5.39 -4.13 18.73
N GLY C 54 4.31 -4.69 18.20
CA GLY C 54 3.03 -4.67 18.90
C GLY C 54 2.52 -6.06 19.26
N SER C 55 3.43 -6.98 19.55
CA SER C 55 3.12 -8.35 19.96
C SER C 55 2.36 -9.12 18.89
N SER C 56 2.29 -8.59 17.67
CA SER C 56 1.53 -9.26 16.61
C SER C 56 2.25 -10.52 16.15
N ASN C 57 3.55 -10.42 15.88
CA ASN C 57 4.36 -11.55 15.42
C ASN C 57 5.16 -12.07 16.59
N ILE C 58 4.88 -13.32 16.97
CA ILE C 58 5.57 -13.98 18.08
C ILE C 58 6.05 -15.33 17.60
N TYR C 59 7.35 -15.57 17.69
CA TYR C 59 7.95 -16.80 17.22
C TYR C 59 8.91 -17.33 18.27
N TYR C 60 9.06 -18.66 18.30
CA TYR C 60 9.96 -19.32 19.22
C TYR C 60 10.79 -20.36 18.46
N ALA C 61 11.95 -20.68 19.04
CA ALA C 61 12.73 -21.80 18.54
C ALA C 61 12.00 -23.10 18.82
N ASP C 62 12.27 -24.10 17.98
CA ASP C 62 11.60 -25.40 18.12
C ASP C 62 11.92 -26.07 19.45
N THR C 63 13.05 -25.71 20.08
CA THR C 63 13.42 -26.29 21.37
C THR C 63 12.71 -25.65 22.54
N VAL C 64 12.10 -24.47 22.36
CA VAL C 64 11.43 -23.76 23.43
C VAL C 64 10.01 -23.39 23.00
N LYS C 65 9.46 -24.16 22.06
CA LYS C 65 8.18 -23.80 21.47
C LYS C 65 7.05 -23.85 22.49
N GLY C 66 6.81 -25.02 23.08
CA GLY C 66 5.69 -25.20 23.98
C GLY C 66 5.91 -24.79 25.41
N ARG C 67 7.09 -24.28 25.75
CA ARG C 67 7.41 -23.91 27.12
C ARG C 67 7.61 -22.41 27.30
N PHE C 68 8.49 -21.80 26.51
CA PHE C 68 8.79 -20.38 26.65
C PHE C 68 7.64 -19.54 26.11
N THR C 69 7.45 -18.37 26.71
CA THR C 69 6.42 -17.43 26.28
C THR C 69 7.00 -16.02 26.39
N ILE C 70 7.12 -15.35 25.24
CA ILE C 70 7.67 -14.00 25.18
C ILE C 70 6.52 -13.00 25.15
N SER C 71 6.72 -11.87 25.80
CA SER C 71 5.72 -10.81 25.86
C SER C 71 6.44 -9.49 26.05
N ARG C 72 5.72 -8.40 25.79
CA ARG C 72 6.29 -7.08 25.99
C ARG C 72 5.27 -6.18 26.68
N ASP C 73 5.74 -5.37 27.62
CA ASP C 73 4.92 -4.39 28.31
C ASP C 73 5.47 -3.02 27.91
N ASN C 74 4.86 -2.42 26.89
CA ASN C 74 5.35 -1.16 26.35
C ASN C 74 5.25 0.00 27.32
N PRO C 75 4.12 0.23 28.02
CA PRO C 75 4.04 1.43 28.87
C PRO C 75 5.13 1.54 29.92
N LYS C 76 5.55 0.43 30.52
CA LYS C 76 6.69 0.43 31.43
C LYS C 76 7.97 -0.02 30.75
N ASN C 77 7.94 -0.19 29.44
CA ASN C 77 9.15 -0.36 28.61
C ASN C 77 9.96 -1.57 29.06
N THR C 78 9.35 -2.76 28.95
CA THR C 78 10.04 -3.96 29.39
C THR C 78 9.66 -5.15 28.52
N LEU C 79 10.55 -6.15 28.52
CA LEU C 79 10.39 -7.37 27.73
C LEU C 79 10.43 -8.56 28.68
N PHE C 80 9.39 -9.38 28.66
CA PHE C 80 9.33 -10.54 29.53
C PHE C 80 9.46 -11.83 28.73
N LEU C 81 10.12 -12.81 29.33
CA LEU C 81 10.19 -14.17 28.81
C LEU C 81 9.93 -15.11 29.97
N GLN C 82 8.71 -15.65 30.04
CA GLN C 82 8.32 -16.56 31.10
C GLN C 82 8.44 -17.99 30.60
N MET C 83 9.20 -18.81 31.31
CA MET C 83 9.54 -20.15 30.84
C MET C 83 9.17 -21.17 31.91
N THR C 84 8.50 -22.23 31.46
CA THR C 84 8.01 -23.30 32.33
C THR C 84 8.60 -24.63 31.89
N SER C 85 8.49 -25.62 32.78
CA SER C 85 9.00 -26.97 32.53
C SER C 85 10.48 -26.93 32.16
N LEU C 86 11.23 -26.13 32.91
CA LEU C 86 12.65 -25.94 32.64
C LEU C 86 13.41 -27.26 32.78
N ARG C 87 14.30 -27.52 31.83
CA ARG C 87 15.17 -28.68 31.87
C ARG C 87 16.63 -28.22 31.88
N SER C 88 17.54 -29.19 31.95
CA SER C 88 18.95 -28.88 32.18
C SER C 88 19.56 -28.11 31.02
N GLU C 89 19.16 -28.43 29.79
CA GLU C 89 19.78 -27.79 28.62
C GLU C 89 19.40 -26.33 28.46
N ASP C 90 18.44 -25.83 29.26
CA ASP C 90 18.07 -24.42 29.19
C ASP C 90 19.04 -23.52 29.93
N THR C 91 20.02 -24.08 30.64
CA THR C 91 21.01 -23.27 31.36
C THR C 91 21.87 -22.50 30.37
N ALA C 92 21.78 -21.18 30.40
CA ALA C 92 22.49 -20.35 29.42
C ALA C 92 22.43 -18.89 29.85
N MET C 93 23.19 -18.05 29.14
CA MET C 93 23.12 -16.61 29.31
C MET C 93 22.17 -16.06 28.26
N TYR C 94 21.13 -15.35 28.71
CA TYR C 94 20.09 -14.84 27.84
C TYR C 94 20.31 -13.35 27.61
N TYR C 95 20.26 -12.94 26.35
CA TYR C 95 20.35 -11.54 25.95
C TYR C 95 19.04 -11.13 25.29
N CYS C 96 18.58 -9.92 25.61
CA CYS C 96 17.48 -9.30 24.89
C CYS C 96 18.07 -8.38 23.83
N ALA C 97 17.88 -8.75 22.57
CA ALA C 97 18.42 -8.01 21.44
C ALA C 97 17.33 -7.19 20.77
N ARG C 98 17.74 -6.08 20.16
CA ARG C 98 16.81 -5.15 19.53
C ARG C 98 16.88 -5.31 18.02
N SER C 99 15.73 -5.56 17.41
CA SER C 99 15.62 -5.68 15.97
C SER C 99 15.04 -4.39 15.39
N THR C 100 15.45 -4.05 14.18
CA THR C 100 15.02 -2.83 13.53
C THR C 100 14.00 -3.14 12.43
N THR C 101 12.98 -2.29 12.34
CA THR C 101 11.96 -2.38 11.30
C THR C 101 12.16 -1.23 10.33
N ILE C 102 13.42 -0.97 9.98
CA ILE C 102 13.84 0.15 9.15
C ILE C 102 14.55 -0.42 7.94
N ILE C 103 15.15 0.45 7.12
CA ILE C 103 15.77 0.09 5.84
C ILE C 103 16.58 -1.20 5.95
N ARG C 104 17.25 -1.40 7.08
CA ARG C 104 17.99 -2.63 7.34
C ARG C 104 17.50 -3.26 8.64
N ALA C 105 17.40 -4.59 8.64
CA ALA C 105 16.87 -5.34 9.77
C ALA C 105 17.96 -6.25 10.33
N PHE C 106 18.24 -6.10 11.62
CA PHE C 106 19.33 -6.80 12.28
C PHE C 106 19.25 -6.53 13.78
N PHE C 107 20.14 -7.18 14.53
CA PHE C 107 20.20 -7.04 15.99
C PHE C 107 21.24 -5.97 16.32
N ASP C 108 20.79 -4.72 16.32
CA ASP C 108 21.71 -3.60 16.50
C ASP C 108 22.26 -3.53 17.92
N TYR C 109 21.42 -3.74 18.92
CA TYR C 109 21.81 -3.55 20.31
C TYR C 109 21.48 -4.77 21.14
N TRP C 110 22.41 -5.14 22.02
CA TRP C 110 22.27 -6.30 22.88
C TRP C 110 22.47 -5.89 24.33
N GLY C 111 21.72 -6.55 25.22
CA GLY C 111 21.94 -6.37 26.64
C GLY C 111 23.11 -7.19 27.14
N GLN C 112 23.52 -6.93 28.38
CA GLN C 112 24.64 -7.66 28.95
C GLN C 112 24.31 -9.13 29.17
N GLY C 113 23.05 -9.49 29.25
CA GLY C 113 22.66 -10.88 29.43
C GLY C 113 22.59 -11.26 30.90
N THR C 114 21.75 -12.25 31.18
CA THR C 114 21.61 -12.78 32.53
C THR C 114 21.77 -14.29 32.49
N THR C 115 22.45 -14.84 33.48
CA THR C 115 22.75 -16.27 33.52
C THR C 115 21.62 -17.01 34.23
N LEU C 116 21.05 -18.00 33.56
CA LEU C 116 20.06 -18.89 34.14
C LEU C 116 20.68 -20.28 34.25
N THR C 117 20.72 -20.81 35.46
CA THR C 117 21.24 -22.15 35.74
C THR C 117 20.10 -23.05 36.14
N VAL C 118 19.91 -24.14 35.40
CA VAL C 118 18.85 -25.10 35.71
C VAL C 118 19.48 -26.41 36.12
N SER C 119 19.69 -26.59 37.43
CA SER C 119 20.32 -27.79 37.97
C SER C 119 19.98 -27.87 39.45
N SER C 120 20.64 -28.78 40.15
CA SER C 120 20.42 -28.96 41.58
C SER C 120 21.74 -28.91 42.35
N GLN D 1 13.12 -23.69 7.74
CA GLN D 1 14.20 -24.09 8.63
C GLN D 1 15.54 -24.05 7.93
N ILE D 2 16.30 -22.98 8.14
CA ILE D 2 17.60 -22.78 7.52
C ILE D 2 18.67 -22.93 8.61
N VAL D 3 19.62 -23.82 8.38
CA VAL D 3 20.75 -24.03 9.28
C VAL D 3 22.00 -23.46 8.62
N LEU D 4 22.75 -22.66 9.37
CA LEU D 4 23.97 -22.04 8.87
C LEU D 4 25.19 -22.76 9.42
N THR D 5 26.01 -23.27 8.52
CA THR D 5 27.24 -23.99 8.88
C THR D 5 28.42 -23.05 8.65
N GLN D 6 29.22 -22.86 9.68
CA GLN D 6 30.38 -21.97 9.63
C GLN D 6 31.66 -22.79 9.54
N SER D 7 32.52 -22.41 8.60
CA SER D 7 33.76 -23.14 8.35
C SER D 7 34.92 -22.16 8.35
N PRO D 8 35.97 -22.42 9.15
CA PRO D 8 36.08 -23.51 10.12
C PRO D 8 35.43 -23.14 11.45
N ALA D 9 35.10 -24.13 12.29
CA ALA D 9 34.54 -23.82 13.60
C ALA D 9 35.54 -23.11 14.51
N ILE D 10 36.84 -23.29 14.26
CA ILE D 10 37.88 -22.64 15.04
C ILE D 10 39.16 -22.60 14.23
N MET D 11 39.85 -21.47 14.26
CA MET D 11 41.10 -21.30 13.53
C MET D 11 41.94 -20.23 14.19
N SER D 12 43.25 -20.34 14.00
CA SER D 12 44.22 -19.40 14.53
C SER D 12 44.97 -18.75 13.37
N ALA D 13 45.05 -17.42 13.39
CA ALA D 13 45.71 -16.65 12.36
C ALA D 13 46.70 -15.70 13.00
N SER D 14 47.90 -15.60 12.41
CA SER D 14 48.92 -14.72 12.94
C SER D 14 48.56 -13.26 12.68
N LEU D 15 49.32 -12.37 13.31
CA LEU D 15 49.10 -10.94 13.14
C LEU D 15 49.37 -10.52 11.70
N GLY D 16 48.49 -9.67 11.17
CA GLY D 16 48.66 -9.20 9.80
C GLY D 16 48.56 -10.29 8.76
N GLU D 17 47.61 -11.20 8.91
CA GLU D 17 47.44 -12.32 8.00
C GLU D 17 46.04 -12.30 7.40
N ARG D 18 45.93 -12.79 6.17
CA ARG D 18 44.65 -12.85 5.49
C ARG D 18 43.76 -13.87 6.18
N VAL D 19 42.57 -13.44 6.58
CA VAL D 19 41.64 -14.27 7.33
C VAL D 19 40.34 -14.37 6.53
N THR D 20 39.80 -15.59 6.42
CA THR D 20 38.53 -15.79 5.72
C THR D 20 37.75 -16.89 6.43
N MET D 21 36.49 -16.60 6.75
CA MET D 21 35.59 -17.59 7.31
C MET D 21 34.32 -17.64 6.46
N THR D 22 33.84 -18.85 6.18
CA THR D 22 32.69 -19.03 5.31
C THR D 22 31.46 -19.45 6.11
N CYS D 23 30.30 -19.08 5.59
CA CYS D 23 29.02 -19.46 6.18
C CYS D 23 28.12 -19.94 5.06
N THR D 24 27.76 -21.22 5.08
CA THR D 24 26.87 -21.80 4.09
C THR D 24 25.50 -22.04 4.70
N ALA D 25 24.48 -21.95 3.85
CA ALA D 25 23.09 -22.09 4.29
C ALA D 25 22.46 -23.32 3.66
N SER D 26 21.53 -23.92 4.41
CA SER D 26 20.82 -25.08 3.88
C SER D 26 19.87 -24.72 2.75
N SER D 27 19.53 -23.44 2.60
CA SER D 27 18.65 -22.98 1.54
C SER D 27 19.15 -21.62 1.07
N GLY D 28 18.33 -20.94 0.26
CA GLY D 28 18.69 -19.63 -0.24
C GLY D 28 18.36 -18.55 0.78
N VAL D 29 19.34 -17.71 1.08
CA VAL D 29 19.17 -16.59 2.00
C VAL D 29 19.46 -15.30 1.24
N SER D 30 18.56 -14.34 1.36
CA SER D 30 18.78 -13.05 0.74
C SER D 30 20.00 -12.37 1.35
N SER D 31 20.84 -11.78 0.50
CA SER D 31 22.09 -11.20 0.97
C SER D 31 21.84 -10.04 1.93
N SER D 32 20.71 -9.34 1.78
CA SER D 32 20.43 -8.21 2.64
C SER D 32 20.02 -8.63 4.06
N TYR D 33 19.75 -9.91 4.29
CA TYR D 33 19.31 -10.39 5.59
C TYR D 33 20.31 -11.31 6.27
N LEU D 34 21.55 -11.35 5.79
CA LEU D 34 22.61 -12.09 6.48
C LEU D 34 23.52 -11.10 7.18
N HIS D 35 23.79 -11.37 8.46
CA HIS D 35 24.61 -10.51 9.28
C HIS D 35 25.67 -11.34 9.98
N TRP D 36 26.76 -10.68 10.35
CA TRP D 36 27.82 -11.27 11.14
C TRP D 36 27.92 -10.51 12.44
N TYR D 37 27.90 -11.24 13.56
CA TYR D 37 27.99 -10.66 14.89
C TYR D 37 29.29 -11.10 15.54
N GLN D 38 29.99 -10.15 16.16
CA GLN D 38 31.25 -10.42 16.85
C GLN D 38 30.99 -10.48 18.35
N GLN D 39 31.51 -11.52 18.99
CA GLN D 39 31.37 -11.70 20.43
C GLN D 39 32.75 -11.95 21.03
N LYS D 40 33.20 -11.04 21.88
CA LYS D 40 34.36 -11.23 22.72
C LYS D 40 33.98 -12.12 23.91
N PRO D 41 34.94 -12.85 24.48
CA PRO D 41 34.59 -13.71 25.62
C PRO D 41 34.35 -12.86 26.87
N GLY D 42 33.20 -13.08 27.50
CA GLY D 42 32.78 -12.27 28.62
C GLY D 42 32.05 -10.99 28.25
N SER D 43 31.70 -10.81 26.98
CA SER D 43 31.00 -9.63 26.52
C SER D 43 29.83 -10.03 25.63
N SER D 44 28.81 -9.17 25.60
CA SER D 44 27.64 -9.43 24.79
C SER D 44 27.99 -9.31 23.30
N PRO D 45 27.25 -9.98 22.38
CA PRO D 45 27.57 -9.94 20.97
C PRO D 45 27.33 -8.56 20.35
N ARG D 46 27.77 -8.35 19.13
CA ARG D 46 27.76 -6.99 18.53
C ARG D 46 27.57 -7.10 17.02
N LEU D 47 26.69 -6.36 16.37
CA LEU D 47 26.64 -6.48 14.88
C LEU D 47 28.03 -6.18 14.34
N TRP D 48 28.53 -6.96 13.40
CA TRP D 48 29.82 -6.61 12.78
C TRP D 48 29.53 -6.20 11.34
N ILE D 49 28.89 -7.06 10.56
CA ILE D 49 28.62 -6.76 9.13
C ILE D 49 27.14 -7.02 8.86
N TYR D 50 26.36 -6.02 8.49
CA TYR D 50 24.95 -6.17 8.18
C TYR D 50 24.75 -6.22 6.66
N SER D 51 23.84 -7.08 6.23
CA SER D 51 23.58 -7.36 4.81
C SER D 51 24.83 -7.89 4.10
N THR D 52 25.67 -8.61 4.84
CA THR D 52 26.84 -9.38 4.39
C THR D 52 27.77 -8.56 3.50
N SER D 53 27.61 -7.25 3.47
CA SER D 53 28.54 -6.39 2.75
C SER D 53 28.98 -5.18 3.57
N ASN D 54 28.10 -4.61 4.38
CA ASN D 54 28.32 -3.31 4.99
C ASN D 54 28.84 -3.47 6.42
N LEU D 55 29.88 -2.72 6.74
CA LEU D 55 30.43 -2.70 8.08
C LEU D 55 29.51 -1.92 9.02
N ALA D 56 29.42 -2.38 10.26
CA ALA D 56 28.63 -1.71 11.27
C ALA D 56 29.40 -0.51 11.82
N SER D 57 28.78 0.22 12.75
CA SER D 57 29.45 1.35 13.39
C SER D 57 30.61 0.87 14.26
N GLY D 58 31.76 1.52 14.11
CA GLY D 58 32.94 1.17 14.85
C GLY D 58 33.76 0.02 14.29
N VAL D 59 33.34 -0.54 13.16
CA VAL D 59 34.05 -1.68 12.57
C VAL D 59 35.26 -1.17 11.80
N PRO D 60 36.45 -1.69 12.06
CA PRO D 60 37.62 -1.30 11.25
C PRO D 60 37.45 -1.70 9.80
N ALA D 61 38.01 -0.87 8.91
CA ALA D 61 37.84 -1.05 7.47
C ALA D 61 38.50 -2.30 6.91
N ARG D 62 39.39 -2.96 7.67
CA ARG D 62 40.03 -4.17 7.16
C ARG D 62 39.03 -5.29 6.92
N PHE D 63 37.95 -5.30 7.70
CA PHE D 63 36.90 -6.30 7.56
C PHE D 63 36.07 -6.05 6.32
N SER D 64 35.60 -7.13 5.72
CA SER D 64 34.77 -7.04 4.52
C SER D 64 33.91 -8.29 4.42
N GLY D 65 32.62 -8.10 4.14
CA GLY D 65 31.74 -9.21 3.86
C GLY D 65 31.59 -9.46 2.37
N SER D 66 31.35 -10.71 2.00
CA SER D 66 31.20 -11.08 0.60
C SER D 66 30.30 -12.30 0.52
N GLY D 67 29.99 -12.71 -0.70
CA GLY D 67 29.15 -13.87 -0.93
C GLY D 67 27.68 -13.50 -1.10
N SER D 68 26.92 -14.48 -1.57
CA SER D 68 25.51 -14.24 -1.88
C SER D 68 24.83 -15.59 -2.10
N GLY D 69 23.53 -15.62 -1.83
CA GLY D 69 22.74 -16.82 -2.06
C GLY D 69 22.87 -17.82 -0.93
N THR D 70 23.66 -18.86 -1.16
CA THR D 70 23.89 -19.91 -0.17
C THR D 70 25.16 -19.67 0.64
N SER D 71 26.25 -19.29 -0.03
CA SER D 71 27.56 -19.16 0.61
C SER D 71 27.91 -17.69 0.78
N TYR D 72 28.37 -17.34 1.98
CA TYR D 72 28.86 -16.00 2.30
C TYR D 72 30.19 -16.13 3.02
N SER D 73 30.87 -15.00 3.23
CA SER D 73 32.17 -15.04 3.86
C SER D 73 32.47 -13.71 4.54
N LEU D 74 33.20 -13.79 5.65
CA LEU D 74 33.77 -12.65 6.34
C LEU D 74 35.29 -12.70 6.17
N THR D 75 35.87 -11.56 5.85
CA THR D 75 37.28 -11.50 5.46
C THR D 75 37.98 -10.38 6.23
N ILE D 76 39.20 -10.66 6.66
CA ILE D 76 40.09 -9.68 7.26
C ILE D 76 41.31 -9.58 6.38
N SER D 77 41.57 -8.39 5.85
CA SER D 77 42.76 -8.17 5.03
C SER D 77 44.03 -8.32 5.85
N SER D 78 44.05 -7.79 7.07
CA SER D 78 45.23 -7.85 7.94
C SER D 78 44.73 -7.97 9.38
N MET D 79 44.76 -9.19 9.91
CA MET D 79 44.25 -9.45 11.25
C MET D 79 45.12 -8.78 12.31
N GLU D 80 44.48 -8.20 13.30
CA GLU D 80 45.15 -7.59 14.44
C GLU D 80 44.66 -8.22 15.73
N ALA D 81 45.29 -7.84 16.84
CA ALA D 81 45.07 -8.51 18.12
C ALA D 81 43.62 -8.38 18.59
N GLU D 82 43.01 -7.21 18.43
CA GLU D 82 41.65 -7.00 18.91
C GLU D 82 40.62 -7.74 18.07
N ASP D 83 41.02 -8.37 16.97
CA ASP D 83 40.11 -9.06 16.09
C ASP D 83 39.83 -10.49 16.51
N ALA D 84 40.48 -10.97 17.57
CA ALA D 84 40.30 -12.35 18.04
C ALA D 84 39.01 -12.41 18.85
N ALA D 85 37.98 -13.01 18.26
CA ALA D 85 36.68 -13.17 18.91
C ALA D 85 35.93 -14.29 18.20
N THR D 86 34.66 -14.47 18.53
CA THR D 86 33.82 -15.47 17.89
C THR D 86 32.81 -14.78 17.00
N TYR D 87 32.76 -15.17 15.74
CA TYR D 87 31.91 -14.53 14.74
C TYR D 87 30.79 -15.48 14.36
N TYR D 88 29.55 -15.00 14.47
CA TYR D 88 28.37 -15.77 14.18
C TYR D 88 27.65 -15.20 12.96
N CYS D 89 27.38 -16.05 11.97
CA CYS D 89 26.56 -15.65 10.84
C CYS D 89 25.10 -15.96 11.16
N HIS D 90 24.24 -14.97 10.96
CA HIS D 90 22.83 -15.07 11.29
C HIS D 90 22.00 -14.63 10.10
N GLN D 91 21.04 -15.47 9.70
CA GLN D 91 20.08 -15.13 8.67
C GLN D 91 18.82 -14.61 9.37
N TYR D 92 18.39 -13.41 9.01
CA TYR D 92 17.20 -12.82 9.57
C TYR D 92 16.13 -12.71 8.47
N HIS D 93 16.09 -13.74 7.63
CA HIS D 93 15.22 -13.79 6.45
C HIS D 93 14.01 -14.69 6.67
N ARG D 94 14.22 -15.94 7.05
CA ARG D 94 13.14 -16.90 7.22
C ARG D 94 13.12 -17.41 8.65
N SER D 95 11.94 -17.40 9.26
CA SER D 95 11.79 -17.96 10.59
C SER D 95 11.83 -19.48 10.54
N PRO D 96 12.47 -20.14 11.52
CA PRO D 96 13.20 -19.57 12.67
C PRO D 96 14.54 -18.99 12.25
N TRP D 97 14.99 -17.94 12.92
CA TRP D 97 16.22 -17.24 12.54
C TRP D 97 17.40 -17.81 13.35
N ALA D 98 17.78 -19.02 12.97
CA ALA D 98 18.86 -19.71 13.66
C ALA D 98 20.20 -19.02 13.38
N PHE D 99 21.04 -18.93 14.41
CA PHE D 99 22.37 -18.40 14.27
C PHE D 99 23.29 -19.43 13.62
N GLY D 100 24.49 -18.99 13.25
CA GLY D 100 25.50 -19.89 12.76
C GLY D 100 26.16 -20.68 13.87
N GLY D 101 26.95 -21.67 13.47
CA GLY D 101 27.65 -22.49 14.45
C GLY D 101 28.76 -21.77 15.20
N GLY D 102 29.21 -20.64 14.69
CA GLY D 102 30.27 -19.88 15.33
C GLY D 102 31.62 -20.17 14.71
N THR D 103 32.48 -19.16 14.73
CA THR D 103 33.84 -19.28 14.20
C THR D 103 34.77 -18.58 15.17
N LYS D 104 35.46 -19.35 16.00
CA LYS D 104 36.38 -18.78 16.98
C LYS D 104 37.71 -18.45 16.31
N LEU D 105 38.15 -17.21 16.48
CA LEU D 105 39.37 -16.72 15.84
C LEU D 105 40.39 -16.41 16.93
N GLU D 106 41.61 -16.92 16.78
CA GLU D 106 42.63 -16.82 17.80
C GLU D 106 43.93 -16.30 17.20
N ILE D 107 44.79 -15.79 18.08
CA ILE D 107 46.12 -15.34 17.70
C ILE D 107 47.02 -16.55 17.50
N LYS D 108 47.87 -16.50 16.46
CA LYS D 108 48.85 -17.54 16.23
C LYS D 108 50.27 -17.01 16.39
#